data_4GYS
#
_entry.id   4GYS
#
_cell.length_a   77.701
_cell.length_b   77.701
_cell.length_c   395.473
_cell.angle_alpha   90.00
_cell.angle_beta   90.00
_cell.angle_gamma   120.00
#
_symmetry.space_group_name_H-M   'P 61'
#
loop_
_entity.id
_entity.type
_entity.pdbx_description
1 polymer 'Allophanate hydrolase'
2 non-polymer 'MALONATE ION'
3 water water
#
_entity_poly.entity_id   1
_entity_poly.type   'polypeptide(L)'
_entity_poly.pdbx_seq_one_letter_code
;MGSSHHHHHHHHDYDIPTSENLYFQGLLQMTLSMTLEGIQAFLAQGGTIEQVVTEAYDRITRYGDKAVWIALRPREEVLA
EARALDASPATGKPLYGVPFAVKDNIDVAGLPCSAACPAFTYEPDRDATVVARLRAAGAIVLGKTNLDQFATGLVGTRSP
FGAPRCVFDQDYISGGSSSGSAVAVAAGLVAFSLGTDTAGSGRVPAAFNNLVGVKPTKGLLSTSGVVPACRSLDCVTVFA
ASVAEGTLIRRIAEGYDAADPYSRPSQKRRLPHVGLRVGVPRQDQREFYGNTAYAALYQRALDEMISLDAELVEIDFAPF
RDAAKLLYGGPWVAERLEAVGDHLSRAPDSFDPVVRSIVETAKTLSAVDAFRGQYELAALTQQANAQWARMDILLLPTAP
TIHKVEAVMADPVRLNSQLGHYTNFVNLLDCAAIAVPAGFIETGLPFGVTLVGPAFSDDSMALIADRLHRRLEPGYGQDR
ASLPDPVLEETNPEQIALAVVGAHLSGQPLHWQLTERNATLVARTRTAPEYRLYALAETIPPKPGLVADPDFTGDGIEIE
LWSMDAEAFGTFTALVPAPLAIGTLRLADGTSVKGFVCEPAGLVGAQDITRFGGWRAYLAQ
;
_entity_poly.pdbx_strand_id   A,B
#
# COMPACT_ATOMS: atom_id res chain seq x y z
N LEU A 32 -23.86 38.92 -13.32
CA LEU A 32 -23.73 37.75 -12.45
C LEU A 32 -22.27 37.31 -12.35
N SER A 33 -21.82 37.11 -11.12
CA SER A 33 -20.53 36.48 -10.93
C SER A 33 -20.73 34.95 -10.80
N MET A 34 -20.10 34.20 -11.69
CA MET A 34 -20.30 32.73 -11.75
C MET A 34 -19.37 32.01 -10.75
N THR A 35 -19.64 32.22 -9.48
CA THR A 35 -18.94 31.60 -8.38
C THR A 35 -20.03 31.17 -7.40
N LEU A 36 -19.67 30.39 -6.40
CA LEU A 36 -20.66 29.96 -5.41
C LEU A 36 -21.22 31.20 -4.74
N GLU A 37 -20.34 32.12 -4.36
CA GLU A 37 -20.79 33.32 -3.67
C GLU A 37 -21.58 34.21 -4.64
N GLY A 38 -21.08 34.36 -5.86
CA GLY A 38 -21.75 35.19 -6.86
C GLY A 38 -23.18 34.71 -7.07
N ILE A 39 -23.34 33.39 -7.13
CA ILE A 39 -24.65 32.82 -7.38
C ILE A 39 -25.59 32.94 -6.18
N GLN A 40 -25.09 32.60 -5.00
CA GLN A 40 -25.88 32.79 -3.78
C GLN A 40 -26.36 34.24 -3.65
N ALA A 41 -25.51 35.20 -4.04
CA ALA A 41 -25.81 36.63 -3.91
C ALA A 41 -26.90 37.03 -4.89
N PHE A 42 -26.74 36.58 -6.12
CA PHE A 42 -27.69 36.86 -7.16
C PHE A 42 -29.06 36.30 -6.83
N LEU A 43 -29.11 35.11 -6.25
CA LEU A 43 -30.39 34.51 -5.89
C LEU A 43 -31.04 35.30 -4.75
N ALA A 44 -30.23 35.66 -3.75
CA ALA A 44 -30.69 36.43 -2.60
C ALA A 44 -31.33 37.79 -2.96
N GLN A 45 -30.75 38.46 -3.95
CA GLN A 45 -31.27 39.76 -4.41
CA GLN A 45 -31.27 39.76 -4.41
C GLN A 45 -32.41 39.60 -5.41
N GLY A 46 -33.09 38.46 -5.36
CA GLY A 46 -34.26 38.24 -6.20
C GLY A 46 -34.07 37.52 -7.53
N GLY A 47 -32.83 37.17 -7.86
CA GLY A 47 -32.57 36.42 -9.08
C GLY A 47 -33.10 35.01 -8.98
N THR A 48 -33.22 34.33 -10.13
CA THR A 48 -33.69 32.92 -10.18
C THR A 48 -32.62 31.97 -10.74
N ILE A 49 -32.74 30.69 -10.40
CA ILE A 49 -31.84 29.69 -10.96
C ILE A 49 -32.00 29.65 -12.48
N GLU A 50 -33.24 29.78 -12.93
CA GLU A 50 -33.54 29.84 -14.35
C GLU A 50 -32.73 30.92 -15.05
N GLN A 51 -32.63 32.08 -14.42
CA GLN A 51 -31.82 33.17 -14.96
C GLN A 51 -30.32 32.84 -14.95
N VAL A 52 -29.88 32.15 -13.89
CA VAL A 52 -28.49 31.72 -13.78
C VAL A 52 -28.11 30.82 -14.95
N VAL A 53 -28.94 29.81 -15.19
CA VAL A 53 -28.76 28.89 -16.29
C VAL A 53 -28.80 29.61 -17.63
N THR A 54 -29.77 30.52 -17.79
CA THR A 54 -29.87 31.29 -19.03
C THR A 54 -28.58 32.02 -19.32
N GLU A 55 -28.08 32.74 -18.32
CA GLU A 55 -26.81 33.42 -18.44
C GLU A 55 -25.65 32.46 -18.76
N ALA A 56 -25.61 31.31 -18.09
CA ALA A 56 -24.54 30.34 -18.37
C ALA A 56 -24.59 29.91 -19.83
N TYR A 57 -25.77 29.52 -20.29
CA TYR A 57 -25.94 29.18 -21.70
C TYR A 57 -25.58 30.31 -22.66
N ASP A 58 -25.94 31.55 -22.32
CA ASP A 58 -25.56 32.69 -23.14
C ASP A 58 -24.05 32.79 -23.25
N ARG A 59 -23.37 32.58 -22.13
CA ARG A 59 -21.91 32.59 -22.15
C ARG A 59 -21.35 31.44 -22.96
N ILE A 60 -21.95 30.26 -22.80
CA ILE A 60 -21.49 29.08 -23.51
C ILE A 60 -21.62 29.30 -25.00
N THR A 61 -22.71 29.94 -25.41
CA THR A 61 -23.01 30.17 -26.82
C THR A 61 -22.00 31.14 -27.45
N ARG A 62 -21.54 32.12 -26.66
CA ARG A 62 -20.62 33.16 -27.12
C ARG A 62 -19.15 32.79 -27.04
N TYR A 63 -18.80 31.79 -26.21
CA TYR A 63 -17.40 31.61 -25.83
C TYR A 63 -16.36 31.54 -26.96
N GLY A 64 -16.59 30.71 -27.97
CA GLY A 64 -15.66 30.76 -29.10
C GLY A 64 -14.49 29.80 -29.13
N ASP A 65 -14.40 28.88 -28.15
CA ASP A 65 -13.46 27.74 -28.23
C ASP A 65 -14.27 26.48 -28.57
N LYS A 66 -14.11 25.97 -29.78
CA LYS A 66 -15.01 24.91 -30.23
C LYS A 66 -14.74 23.58 -29.54
N ALA A 67 -13.65 23.53 -28.80
CA ALA A 67 -13.19 22.25 -28.26
C ALA A 67 -13.56 22.07 -26.79
N VAL A 68 -14.31 22.99 -26.20
CA VAL A 68 -14.50 22.91 -24.75
C VAL A 68 -15.40 21.75 -24.31
N TRP A 69 -16.46 21.53 -25.06
CA TRP A 69 -17.49 20.60 -24.62
C TRP A 69 -17.54 19.42 -25.56
N ILE A 70 -17.80 18.24 -25.00
CA ILE A 70 -18.10 17.09 -25.82
C ILE A 70 -19.61 16.96 -25.94
N ALA A 71 -20.32 17.04 -24.82
CA ALA A 71 -21.78 16.90 -24.85
C ALA A 71 -22.49 17.89 -23.94
N LEU A 72 -23.25 18.80 -24.56
CA LEU A 72 -23.99 19.81 -23.81
C LEU A 72 -25.44 19.41 -23.68
N ARG A 73 -26.01 19.55 -22.49
CA ARG A 73 -27.45 19.40 -22.35
C ARG A 73 -28.20 20.42 -23.20
N PRO A 74 -29.43 20.07 -23.61
CA PRO A 74 -30.23 21.13 -24.23
C PRO A 74 -30.67 22.16 -23.18
N ARG A 75 -30.49 23.43 -23.54
CA ARG A 75 -30.82 24.55 -22.68
C ARG A 75 -32.20 24.33 -22.06
N GLU A 76 -33.14 23.94 -22.89
CA GLU A 76 -34.54 23.80 -22.47
C GLU A 76 -34.71 22.81 -21.31
N GLU A 77 -33.99 21.70 -21.36
CA GLU A 77 -34.06 20.72 -20.28
C GLU A 77 -33.37 21.22 -18.98
N VAL A 78 -32.30 21.96 -19.13
CA VAL A 78 -31.63 22.49 -17.95
C VAL A 78 -32.53 23.55 -17.31
N LEU A 79 -33.22 24.31 -18.14
CA LEU A 79 -34.14 25.34 -17.67
C LEU A 79 -35.26 24.71 -16.86
N ALA A 80 -35.80 23.60 -17.34
CA ALA A 80 -36.83 22.87 -16.60
C ALA A 80 -36.33 22.41 -15.24
N GLU A 81 -35.10 21.88 -15.20
CA GLU A 81 -34.52 21.43 -13.93
C GLU A 81 -34.32 22.64 -13.02
N ALA A 82 -33.87 23.75 -13.61
CA ALA A 82 -33.68 25.01 -12.88
C ALA A 82 -34.98 25.47 -12.22
N ARG A 83 -36.08 25.44 -12.98
CA ARG A 83 -37.38 25.87 -12.47
C ARG A 83 -37.84 24.98 -11.32
N ALA A 84 -37.68 23.67 -11.48
CA ALA A 84 -38.10 22.73 -10.44
C ALA A 84 -37.34 23.02 -9.15
N LEU A 85 -36.06 23.32 -9.28
CA LEU A 85 -35.23 23.63 -8.12
C LEU A 85 -35.65 24.95 -7.49
N ASP A 86 -35.92 25.94 -8.33
CA ASP A 86 -36.38 27.26 -7.90
C ASP A 86 -37.57 27.13 -6.98
N ALA A 87 -38.47 26.22 -7.32
CA ALA A 87 -39.66 25.96 -6.51
C ALA A 87 -39.38 25.12 -5.27
N SER A 88 -38.17 24.57 -5.18
CA SER A 88 -37.73 23.85 -4.00
C SER A 88 -37.13 24.81 -2.99
N PRO A 89 -37.14 24.42 -1.71
CA PRO A 89 -36.43 25.15 -0.66
C PRO A 89 -34.92 25.10 -0.90
N ALA A 90 -34.20 26.14 -0.52
CA ALA A 90 -32.74 26.13 -0.58
C ALA A 90 -32.13 25.38 0.60
N THR A 91 -32.98 25.10 1.59
CA THR A 91 -32.51 24.43 2.79
C THR A 91 -31.87 23.08 2.47
N GLY A 92 -30.73 22.81 3.09
CA GLY A 92 -30.03 21.56 2.86
C GLY A 92 -29.36 21.44 1.50
N LYS A 93 -29.36 22.50 0.71
CA LYS A 93 -28.67 22.48 -0.58
C LYS A 93 -27.58 23.54 -0.65
N PRO A 94 -26.39 23.23 -0.12
CA PRO A 94 -25.29 24.20 -0.07
C PRO A 94 -24.82 24.67 -1.46
N LEU A 95 -25.21 23.97 -2.53
CA LEU A 95 -24.85 24.38 -3.88
C LEU A 95 -26.11 24.71 -4.65
N TYR A 96 -27.12 25.19 -3.93
CA TYR A 96 -28.41 25.53 -4.51
C TYR A 96 -28.29 26.30 -5.83
N GLY A 97 -28.67 25.62 -6.92
CA GLY A 97 -28.70 26.21 -8.24
C GLY A 97 -27.39 26.49 -8.95
N VAL A 98 -26.30 25.85 -8.50
CA VAL A 98 -24.98 26.15 -9.05
C VAL A 98 -24.65 25.29 -10.28
N PRO A 99 -24.40 25.94 -11.44
CA PRO A 99 -24.01 25.19 -12.64
C PRO A 99 -22.58 24.66 -12.57
N PHE A 100 -22.37 23.42 -13.00
CA PHE A 100 -21.02 22.91 -13.12
C PHE A 100 -20.83 22.06 -14.35
N ALA A 101 -19.57 21.90 -14.75
CA ALA A 101 -19.20 21.02 -15.86
C ALA A 101 -18.53 19.76 -15.34
N VAL A 102 -18.77 18.64 -16.01
CA VAL A 102 -18.19 17.38 -15.59
C VAL A 102 -17.35 16.80 -16.72
N LYS A 103 -16.06 16.58 -16.46
CA LYS A 103 -15.18 15.90 -17.39
C LYS A 103 -15.81 14.62 -17.96
N ASP A 104 -15.60 14.37 -19.25
CA ASP A 104 -16.29 13.26 -19.90
C ASP A 104 -15.70 11.86 -19.68
N ASN A 105 -14.98 11.67 -18.57
CA ASN A 105 -14.66 10.33 -18.05
C ASN A 105 -15.40 10.08 -16.73
N ILE A 106 -16.32 10.97 -16.41
CA ILE A 106 -17.14 10.85 -15.20
C ILE A 106 -18.62 10.72 -15.56
N ASP A 107 -19.28 9.69 -15.04
CA ASP A 107 -20.68 9.44 -15.42
C ASP A 107 -21.65 10.51 -14.94
N VAL A 108 -22.51 10.98 -15.86
CA VAL A 108 -23.66 11.79 -15.50
C VAL A 108 -24.88 11.18 -16.18
N ALA A 109 -25.87 10.81 -15.41
CA ALA A 109 -27.06 10.19 -15.97
C ALA A 109 -27.75 11.16 -16.93
N GLY A 110 -28.14 10.66 -18.10
CA GLY A 110 -28.87 11.45 -19.08
C GLY A 110 -27.94 12.04 -20.12
N LEU A 111 -26.64 11.79 -19.97
CA LEU A 111 -25.69 12.17 -21.00
C LEU A 111 -24.79 10.99 -21.31
N PRO A 112 -24.24 10.95 -22.53
CA PRO A 112 -23.25 9.91 -22.83
C PRO A 112 -21.92 10.17 -22.10
N CYS A 113 -21.07 9.15 -22.06
CA CYS A 113 -19.77 9.29 -21.47
C CYS A 113 -18.80 8.52 -22.33
N SER A 114 -17.68 9.13 -22.71
CA SER A 114 -16.85 8.58 -23.76
C SER A 114 -15.37 8.56 -23.46
N ALA A 115 -14.96 9.24 -22.39
CA ALA A 115 -13.55 9.50 -22.11
C ALA A 115 -12.83 10.08 -23.34
N ALA A 116 -13.59 10.85 -24.14
CA ALA A 116 -13.10 11.45 -25.38
C ALA A 116 -12.69 10.42 -26.46
N CYS A 117 -13.27 9.22 -26.38
CA CYS A 117 -13.07 8.16 -27.39
C CYS A 117 -14.43 7.73 -27.95
N PRO A 118 -14.76 8.18 -29.17
CA PRO A 118 -16.12 7.88 -29.62
C PRO A 118 -16.44 6.39 -29.55
N ALA A 119 -15.52 5.50 -29.93
CA ALA A 119 -15.81 4.05 -29.88
C ALA A 119 -16.07 3.52 -28.45
N PHE A 120 -15.61 4.25 -27.44
CA PHE A 120 -15.79 3.84 -26.05
C PHE A 120 -17.14 4.26 -25.52
N THR A 121 -17.82 5.15 -26.25
CA THR A 121 -19.02 5.82 -25.71
C THR A 121 -20.06 4.86 -25.13
N TYR A 122 -20.55 5.18 -23.93
CA TYR A 122 -21.70 4.48 -23.36
C TYR A 122 -22.67 5.48 -22.73
N GLU A 123 -23.86 5.01 -22.34
CA GLU A 123 -24.88 5.85 -21.74
C GLU A 123 -25.10 5.45 -20.30
N PRO A 124 -24.39 6.10 -19.35
CA PRO A 124 -24.56 5.60 -17.97
C PRO A 124 -25.99 5.77 -17.46
N ASP A 125 -26.48 4.77 -16.73
CA ASP A 125 -27.81 4.80 -16.12
C ASP A 125 -27.85 5.66 -14.85
N ARG A 126 -26.70 5.86 -14.22
CA ARG A 126 -26.62 6.52 -12.92
C ARG A 126 -25.52 7.57 -12.91
N ASP A 127 -25.72 8.63 -12.13
CA ASP A 127 -24.66 9.58 -11.84
C ASP A 127 -23.53 8.85 -11.13
N ALA A 128 -22.28 9.20 -11.45
CA ALA A 128 -21.17 8.81 -10.60
C ALA A 128 -21.50 9.26 -9.17
N THR A 129 -20.97 8.55 -8.17
CA THR A 129 -21.23 8.90 -6.78
C THR A 129 -20.99 10.40 -6.51
N VAL A 130 -19.84 10.92 -6.90
CA VAL A 130 -19.52 12.33 -6.61
C VAL A 130 -20.50 13.29 -7.28
N VAL A 131 -20.92 12.97 -8.50
CA VAL A 131 -21.96 13.72 -9.19
C VAL A 131 -23.29 13.64 -8.45
N ALA A 132 -23.67 12.45 -8.00
CA ALA A 132 -24.92 12.26 -7.24
C ALA A 132 -24.91 13.16 -6.00
N ARG A 133 -23.80 13.18 -5.27
CA ARG A 133 -23.70 14.01 -4.07
C ARG A 133 -23.79 15.53 -4.33
N LEU A 134 -23.07 15.99 -5.34
CA LEU A 134 -23.13 17.39 -5.74
C LEU A 134 -24.53 17.84 -6.20
N ARG A 135 -25.17 17.01 -7.03
CA ARG A 135 -26.50 17.36 -7.50
C ARG A 135 -27.47 17.36 -6.34
N ALA A 136 -27.25 16.46 -5.37
CA ALA A 136 -28.15 16.42 -4.21
C ALA A 136 -27.97 17.68 -3.36
N ALA A 137 -26.79 18.30 -3.44
CA ALA A 137 -26.51 19.56 -2.77
C ALA A 137 -27.06 20.71 -3.58
N GLY A 138 -27.73 20.39 -4.68
CA GLY A 138 -28.40 21.40 -5.46
C GLY A 138 -27.66 21.90 -6.69
N ALA A 139 -26.48 21.35 -6.99
CA ALA A 139 -25.74 21.80 -8.18
C ALA A 139 -26.33 21.20 -9.47
N ILE A 140 -26.12 21.88 -10.60
CA ILE A 140 -26.76 21.45 -11.83
C ILE A 140 -25.72 21.20 -12.92
N VAL A 141 -25.76 20.03 -13.52
CA VAL A 141 -24.78 19.72 -14.57
C VAL A 141 -25.22 20.36 -15.90
N LEU A 142 -24.31 21.07 -16.56
CA LEU A 142 -24.61 21.69 -17.84
C LEU A 142 -24.20 20.80 -19.02
N GLY A 143 -23.10 20.06 -18.88
CA GLY A 143 -22.63 19.17 -19.93
C GLY A 143 -21.31 18.49 -19.60
N LYS A 144 -20.85 17.65 -20.53
CA LYS A 144 -19.57 16.96 -20.40
C LYS A 144 -18.48 17.67 -21.14
N THR A 145 -17.38 17.97 -20.44
CA THR A 145 -16.26 18.66 -21.05
C THR A 145 -15.24 17.71 -21.69
N ASN A 146 -14.59 18.22 -22.73
CA ASN A 146 -13.50 17.57 -23.44
C ASN A 146 -12.33 17.27 -22.50
N LEU A 147 -11.52 16.26 -22.86
CA LEU A 147 -10.37 15.84 -22.08
C LEU A 147 -9.33 15.22 -23.03
N ASP A 148 -8.07 15.15 -22.62
CA ASP A 148 -7.16 14.20 -23.27
C ASP A 148 -7.74 12.78 -23.16
N GLN A 149 -7.71 12.04 -24.26
CA GLN A 149 -8.37 10.75 -24.31
C GLN A 149 -7.92 9.80 -23.21
N PHE A 150 -8.87 9.13 -22.59
CA PHE A 150 -8.58 8.22 -21.49
C PHE A 150 -7.69 8.86 -20.41
N ALA A 151 -7.84 10.16 -20.25
CA ALA A 151 -7.14 10.93 -19.22
C ALA A 151 -5.65 10.69 -19.26
N THR A 152 -5.14 10.50 -20.48
CA THR A 152 -3.74 10.21 -20.66
C THR A 152 -3.05 11.37 -21.37
N GLY A 153 -2.55 12.30 -20.57
CA GLY A 153 -1.84 13.47 -21.10
C GLY A 153 -2.02 14.64 -20.16
N LEU A 154 -1.07 15.56 -20.20
CA LEU A 154 -1.15 16.78 -19.41
C LEU A 154 -1.30 18.01 -20.31
N VAL A 155 -1.59 17.81 -21.58
CA VAL A 155 -1.56 18.89 -22.57
C VAL A 155 -2.94 19.45 -23.01
N GLY A 156 -3.93 18.58 -23.07
CA GLY A 156 -5.21 18.99 -23.59
C GLY A 156 -5.32 18.81 -25.10
N THR A 157 -4.24 18.38 -25.74
CA THR A 157 -4.24 18.28 -27.21
C THR A 157 -4.66 16.89 -27.71
N ARG A 158 -4.70 15.90 -26.82
CA ARG A 158 -4.93 14.53 -27.27
C ARG A 158 -6.41 14.17 -27.32
N SER A 159 -7.19 14.99 -28.02
CA SER A 159 -8.63 14.76 -28.14
C SER A 159 -9.09 14.85 -29.59
N PRO A 160 -9.92 13.88 -30.02
CA PRO A 160 -10.39 13.95 -31.40
C PRO A 160 -11.27 15.18 -31.60
N PHE A 161 -11.80 15.73 -30.51
CA PHE A 161 -12.67 16.91 -30.59
C PHE A 161 -11.89 18.22 -30.72
N GLY A 162 -10.57 18.16 -30.77
CA GLY A 162 -9.77 19.37 -30.79
C GLY A 162 -9.20 19.72 -29.42
N ALA A 163 -8.29 20.68 -29.42
CA ALA A 163 -7.53 21.06 -28.24
C ALA A 163 -8.09 22.35 -27.64
N PRO A 164 -8.71 22.25 -26.46
CA PRO A 164 -9.17 23.50 -25.83
C PRO A 164 -7.96 24.39 -25.58
N ARG A 165 -8.11 25.71 -25.51
CA ARG A 165 -6.96 26.59 -25.42
C ARG A 165 -6.83 27.36 -24.10
N CYS A 166 -5.59 27.65 -23.71
CA CYS A 166 -5.34 28.62 -22.65
C CYS A 166 -6.24 29.86 -22.78
N VAL A 167 -6.99 30.20 -21.72
CA VAL A 167 -7.96 31.31 -21.79
C VAL A 167 -7.30 32.69 -21.97
N PHE A 168 -5.98 32.74 -21.85
CA PHE A 168 -5.22 33.97 -21.99
C PHE A 168 -4.55 34.10 -23.37
N ASP A 169 -4.44 33.00 -24.10
CA ASP A 169 -3.82 33.04 -25.42
C ASP A 169 -4.13 31.77 -26.23
N GLN A 170 -4.96 31.94 -27.25
CA GLN A 170 -5.46 30.84 -28.10
C GLN A 170 -4.39 29.96 -28.70
N ASP A 171 -3.18 30.49 -28.86
CA ASP A 171 -2.06 29.69 -29.36
C ASP A 171 -1.55 28.65 -28.34
N TYR A 172 -1.92 28.82 -27.08
CA TYR A 172 -1.35 28.00 -26.01
C TYR A 172 -2.30 26.92 -25.54
N ILE A 173 -1.70 25.80 -25.14
CA ILE A 173 -2.44 24.67 -24.60
C ILE A 173 -3.21 25.07 -23.38
N SER A 174 -4.41 24.51 -23.23
CA SER A 174 -5.18 24.67 -22.00
C SER A 174 -4.54 23.81 -20.89
N GLY A 175 -3.71 22.86 -21.27
CA GLY A 175 -3.29 21.80 -20.34
C GLY A 175 -4.39 20.76 -20.20
N GLY A 176 -4.06 19.65 -19.52
CA GLY A 176 -4.94 18.50 -19.46
C GLY A 176 -4.54 17.56 -18.34
N SER A 177 -5.18 16.40 -18.24
CA SER A 177 -6.12 15.90 -19.23
C SER A 177 -7.49 16.53 -19.04
N SER A 178 -7.70 17.20 -17.91
CA SER A 178 -8.99 17.83 -17.61
C SER A 178 -9.15 19.21 -18.31
N SER A 179 -8.93 19.21 -19.62
CA SER A 179 -8.78 20.42 -20.42
C SER A 179 -10.05 21.31 -20.42
N GLY A 180 -11.16 20.78 -20.90
CA GLY A 180 -12.42 21.51 -20.93
C GLY A 180 -12.93 21.94 -19.56
N SER A 181 -12.77 21.08 -18.56
CA SER A 181 -13.22 21.44 -17.22
C SER A 181 -12.57 22.74 -16.74
N ALA A 182 -11.28 22.89 -17.02
CA ALA A 182 -10.54 24.04 -16.51
C ALA A 182 -10.97 25.30 -17.29
N VAL A 183 -11.04 25.16 -18.61
CA VAL A 183 -11.43 26.28 -19.46
C VAL A 183 -12.82 26.79 -19.10
N ALA A 184 -13.77 25.86 -18.96
CA ALA A 184 -15.15 26.23 -18.70
C ALA A 184 -15.29 27.11 -17.46
N VAL A 185 -14.53 26.80 -16.40
CA VAL A 185 -14.61 27.58 -15.17
C VAL A 185 -13.89 28.93 -15.32
N ALA A 186 -12.71 28.91 -15.91
CA ALA A 186 -11.88 30.11 -16.04
C ALA A 186 -12.54 31.13 -16.96
N ALA A 187 -13.41 30.63 -17.85
CA ALA A 187 -14.12 31.46 -18.82
C ALA A 187 -15.46 31.90 -18.28
N GLY A 188 -15.76 31.52 -17.05
CA GLY A 188 -16.98 31.95 -16.41
C GLY A 188 -18.23 31.28 -16.95
N LEU A 189 -18.06 30.14 -17.62
CA LEU A 189 -19.22 29.38 -18.16
C LEU A 189 -20.00 28.65 -17.09
N VAL A 190 -19.28 28.19 -16.06
CA VAL A 190 -19.82 27.46 -14.91
C VAL A 190 -19.07 27.91 -13.66
N ALA A 191 -19.61 27.61 -12.48
CA ALA A 191 -18.98 28.06 -11.23
C ALA A 191 -17.89 27.13 -10.69
N PHE A 192 -17.98 25.85 -11.04
CA PHE A 192 -16.88 24.92 -10.75
C PHE A 192 -16.96 23.75 -11.70
N SER A 193 -15.94 22.90 -11.70
CA SER A 193 -15.99 21.70 -12.50
C SER A 193 -15.27 20.51 -11.83
N LEU A 194 -15.63 19.32 -12.27
CA LEU A 194 -14.93 18.12 -11.85
C LEU A 194 -14.02 17.66 -12.96
N GLY A 195 -12.82 17.25 -12.57
CA GLY A 195 -11.93 16.53 -13.46
C GLY A 195 -11.43 15.31 -12.70
N THR A 196 -10.36 14.70 -13.22
CA THR A 196 -9.68 13.64 -12.53
C THR A 196 -8.20 13.97 -12.62
N ASP A 197 -7.46 13.49 -11.66
CA ASP A 197 -6.02 13.74 -11.56
C ASP A 197 -5.34 12.39 -11.28
N THR A 198 -4.35 12.07 -12.10
CA THR A 198 -3.60 10.84 -11.99
C THR A 198 -2.16 11.23 -12.03
N ALA A 199 -1.69 11.64 -13.20
CA ALA A 199 -0.37 12.26 -13.30
C ALA A 199 -0.32 13.68 -12.71
N GLY A 200 -1.27 14.54 -13.10
CA GLY A 200 -1.24 15.89 -12.59
C GLY A 200 -2.35 16.78 -13.07
N SER A 201 -3.42 16.20 -13.57
CA SER A 201 -4.42 17.00 -14.25
C SER A 201 -5.29 17.87 -13.35
N GLY A 202 -5.27 17.64 -12.05
CA GLY A 202 -5.97 18.53 -11.17
C GLY A 202 -5.21 19.84 -11.00
N ARG A 203 -3.99 19.87 -11.51
CA ARG A 203 -3.08 20.95 -11.19
C ARG A 203 -2.63 21.72 -12.44
N VAL A 204 -2.12 20.99 -13.44
CA VAL A 204 -1.61 21.61 -14.68
C VAL A 204 -2.62 22.56 -15.36
N PRO A 205 -3.85 22.09 -15.67
CA PRO A 205 -4.78 23.02 -16.35
C PRO A 205 -5.33 24.11 -15.43
N ALA A 206 -5.20 23.91 -14.12
CA ALA A 206 -5.51 24.99 -13.18
C ALA A 206 -4.47 26.08 -13.34
N ALA A 207 -3.19 25.68 -13.38
CA ALA A 207 -2.11 26.64 -13.57
C ALA A 207 -2.32 27.43 -14.87
N PHE A 208 -2.59 26.71 -15.96
CA PHE A 208 -2.57 27.32 -17.29
C PHE A 208 -3.79 28.18 -17.53
N ASN A 209 -4.75 28.12 -16.61
CA ASN A 209 -5.96 28.90 -16.74
C ASN A 209 -6.30 29.73 -15.50
N ASN A 210 -5.30 29.92 -14.64
CA ASN A 210 -5.41 30.83 -13.51
C ASN A 210 -6.53 30.40 -12.53
N LEU A 211 -6.60 29.11 -12.22
CA LEU A 211 -7.62 28.58 -11.32
C LEU A 211 -7.03 27.93 -10.08
N VAL A 212 -7.89 27.75 -9.08
CA VAL A 212 -7.57 26.87 -7.97
C VAL A 212 -7.90 25.41 -8.37
N GLY A 213 -6.94 24.52 -8.21
CA GLY A 213 -7.19 23.12 -8.41
C GLY A 213 -7.00 22.38 -7.09
N VAL A 214 -8.08 21.79 -6.58
CA VAL A 214 -7.99 21.01 -5.36
C VAL A 214 -7.87 19.53 -5.69
N LYS A 215 -6.76 18.91 -5.26
CA LYS A 215 -6.49 17.52 -5.55
C LYS A 215 -6.54 16.70 -4.25
N PRO A 216 -7.71 16.12 -3.95
CA PRO A 216 -7.98 15.45 -2.67
C PRO A 216 -7.05 14.26 -2.50
N THR A 217 -6.71 13.98 -1.25
CA THR A 217 -6.04 12.72 -0.93
C THR A 217 -6.76 11.57 -1.66
N LYS A 218 -6.00 10.64 -2.23
CA LYS A 218 -6.67 9.56 -2.97
C LYS A 218 -7.58 8.73 -2.07
N GLY A 219 -8.70 8.26 -2.61
CA GLY A 219 -9.67 7.52 -1.84
C GLY A 219 -10.78 8.34 -1.17
N LEU A 220 -10.50 9.62 -0.91
CA LEU A 220 -11.48 10.46 -0.22
C LEU A 220 -12.76 10.59 -1.01
N LEU A 221 -12.64 10.86 -2.31
CA LEU A 221 -13.82 10.99 -3.16
C LEU A 221 -13.97 9.72 -3.97
N SER A 222 -15.18 9.20 -4.07
CA SER A 222 -15.40 7.96 -4.80
C SER A 222 -15.04 8.07 -6.29
N THR A 223 -14.38 7.05 -6.82
CA THR A 223 -14.19 6.96 -8.27
C THR A 223 -15.18 6.00 -8.91
N SER A 224 -16.28 5.73 -8.20
CA SER A 224 -17.33 4.88 -8.74
C SER A 224 -18.12 5.66 -9.78
N GLY A 225 -18.27 5.07 -10.97
CA GLY A 225 -18.85 5.80 -12.08
C GLY A 225 -17.86 6.71 -12.80
N VAL A 226 -16.59 6.51 -12.53
CA VAL A 226 -15.50 7.20 -13.23
C VAL A 226 -14.70 6.15 -14.02
N VAL A 227 -14.47 6.40 -15.30
CA VAL A 227 -13.65 5.50 -16.11
C VAL A 227 -12.23 5.45 -15.56
N PRO A 228 -11.69 4.24 -15.31
CA PRO A 228 -10.31 4.17 -14.79
C PRO A 228 -9.21 4.59 -15.80
N ALA A 229 -8.15 5.21 -15.28
CA ALA A 229 -6.94 5.48 -16.06
C ALA A 229 -5.86 4.66 -15.39
N CYS A 230 -5.30 5.16 -14.29
CA CYS A 230 -4.55 4.26 -13.38
C CYS A 230 -5.40 4.06 -12.15
N ARG A 231 -6.26 3.05 -12.20
CA ARG A 231 -7.28 2.81 -11.17
C ARG A 231 -6.83 3.07 -9.73
N SER A 232 -5.64 2.59 -9.39
CA SER A 232 -5.13 2.64 -8.01
C SER A 232 -4.64 4.03 -7.60
N LEU A 233 -4.54 4.92 -8.58
CA LEU A 233 -4.00 6.27 -8.38
C LEU A 233 -5.00 7.40 -8.64
N ASP A 234 -5.98 7.14 -9.52
CA ASP A 234 -6.95 8.14 -9.97
C ASP A 234 -7.64 8.91 -8.83
N CYS A 235 -7.71 10.23 -8.96
CA CYS A 235 -8.46 11.07 -8.04
C CYS A 235 -9.45 11.94 -8.80
N VAL A 236 -10.67 12.03 -8.27
CA VAL A 236 -11.58 13.07 -8.69
C VAL A 236 -11.02 14.37 -8.16
N THR A 237 -11.08 15.41 -8.97
CA THR A 237 -10.40 16.66 -8.66
C THR A 237 -11.34 17.83 -8.93
N VAL A 238 -11.10 18.96 -8.24
CA VAL A 238 -12.02 20.09 -8.33
C VAL A 238 -11.33 21.34 -8.87
N PHE A 239 -11.99 21.99 -9.83
CA PHE A 239 -11.59 23.30 -10.33
C PHE A 239 -12.60 24.36 -9.83
N ALA A 240 -12.08 25.41 -9.18
CA ALA A 240 -12.89 26.42 -8.53
C ALA A 240 -12.27 27.82 -8.58
N ALA A 241 -13.03 28.82 -8.17
CA ALA A 241 -12.59 30.21 -8.22
C ALA A 241 -11.73 30.54 -7.00
N SER A 242 -11.96 29.82 -5.90
CA SER A 242 -11.20 30.00 -4.65
C SER A 242 -10.96 28.68 -3.89
N VAL A 243 -9.96 28.68 -3.02
CA VAL A 243 -9.67 27.54 -2.18
C VAL A 243 -10.89 27.18 -1.33
N ALA A 244 -11.53 28.19 -0.76
CA ALA A 244 -12.71 27.93 0.06
C ALA A 244 -13.82 27.29 -0.77
N GLU A 245 -14.05 27.78 -1.99
CA GLU A 245 -15.14 27.24 -2.78
C GLU A 245 -14.79 25.82 -3.21
N GLY A 246 -13.57 25.63 -3.69
CA GLY A 246 -13.09 24.33 -4.08
C GLY A 246 -13.11 23.36 -2.91
N THR A 247 -12.79 23.86 -1.72
CA THR A 247 -12.85 23.05 -0.50
C THR A 247 -14.27 22.63 -0.12
N LEU A 248 -15.23 23.55 -0.15
CA LEU A 248 -16.64 23.17 0.07
C LEU A 248 -17.12 22.09 -0.90
N ILE A 249 -16.83 22.27 -2.19
CA ILE A 249 -17.18 21.27 -3.19
C ILE A 249 -16.50 19.94 -2.87
N ARG A 250 -15.22 19.97 -2.53
CA ARG A 250 -14.52 18.72 -2.18
C ARG A 250 -15.21 17.96 -1.02
N ARG A 251 -15.57 18.69 0.04
CA ARG A 251 -16.16 18.10 1.24
C ARG A 251 -17.51 17.50 0.93
N ILE A 252 -18.29 18.17 0.08
CA ILE A 252 -19.60 17.68 -0.29
C ILE A 252 -19.48 16.39 -1.09
N ALA A 253 -18.50 16.33 -1.97
CA ALA A 253 -18.34 15.16 -2.85
C ALA A 253 -17.70 13.99 -2.11
N GLU A 254 -16.96 14.32 -1.05
CA GLU A 254 -16.20 13.36 -0.26
C GLU A 254 -17.11 12.39 0.48
N GLY A 255 -16.68 11.14 0.63
CA GLY A 255 -17.47 10.14 1.33
C GLY A 255 -17.08 8.71 0.96
N TYR A 256 -17.03 7.84 1.95
CA TYR A 256 -16.73 6.43 1.72
C TYR A 256 -17.74 5.78 0.78
N ASP A 257 -17.22 5.00 -0.15
CA ASP A 257 -18.09 4.34 -1.11
C ASP A 257 -17.53 2.95 -1.33
N ALA A 258 -18.18 1.94 -0.75
CA ALA A 258 -17.71 0.57 -0.84
C ALA A 258 -17.76 0.01 -2.27
N ALA A 259 -18.55 0.63 -3.16
CA ALA A 259 -18.52 0.21 -4.57
C ALA A 259 -17.12 0.42 -5.17
N ASP A 260 -16.36 1.36 -4.63
CA ASP A 260 -15.02 1.69 -5.15
C ASP A 260 -13.95 0.98 -4.29
N PRO A 261 -13.22 0.01 -4.86
CA PRO A 261 -12.21 -0.74 -4.08
C PRO A 261 -11.14 0.17 -3.50
N TYR A 262 -10.94 1.36 -4.06
CA TYR A 262 -9.88 2.26 -3.57
C TYR A 262 -10.36 3.36 -2.65
N SER A 263 -11.65 3.36 -2.37
CA SER A 263 -12.26 4.32 -1.46
C SER A 263 -11.67 4.17 -0.08
N ARG A 264 -11.33 5.29 0.55
CA ARG A 264 -10.86 5.32 1.94
C ARG A 264 -11.73 6.25 2.82
N PRO A 265 -11.94 5.86 4.07
CA PRO A 265 -12.67 6.72 5.01
C PRO A 265 -11.88 7.99 5.29
N SER A 266 -12.57 9.09 5.44
CA SER A 266 -11.92 10.34 5.79
C SER A 266 -11.09 10.18 7.07
N GLN A 267 -9.85 10.65 7.02
CA GLN A 267 -9.08 10.98 8.22
C GLN A 267 -8.65 12.43 8.02
N LYS A 268 -8.21 13.08 9.09
CA LYS A 268 -7.67 14.44 9.00
C LYS A 268 -6.36 14.49 9.72
N ARG A 269 -5.32 14.87 8.99
CA ARG A 269 -4.02 15.06 9.57
C ARG A 269 -3.75 16.57 9.59
N ARG A 270 -3.40 17.09 10.76
CA ARG A 270 -3.26 18.52 10.90
C ARG A 270 -1.84 18.93 10.55
N LEU A 271 -1.69 20.12 9.98
CA LEU A 271 -0.40 20.75 9.77
C LEU A 271 -0.38 22.01 10.62
N PRO A 272 0.81 22.43 11.04
CA PRO A 272 0.96 23.66 11.84
C PRO A 272 0.70 24.90 10.99
N HIS A 273 0.32 26.01 11.60
CA HIS A 273 0.25 27.26 10.84
C HIS A 273 1.26 28.27 11.39
N VAL A 274 1.36 28.33 12.71
CA VAL A 274 2.51 28.96 13.35
C VAL A 274 3.67 27.95 13.33
N GLY A 275 4.82 28.36 12.80
CA GLY A 275 5.98 27.48 12.78
C GLY A 275 6.11 26.69 11.47
N LEU A 276 5.26 27.04 10.52
CA LEU A 276 5.13 26.30 9.26
C LEU A 276 6.44 26.23 8.48
N ARG A 277 6.82 25.04 8.08
CA ARG A 277 8.00 24.92 7.26
C ARG A 277 7.57 24.51 5.86
N VAL A 278 7.99 25.30 4.87
CA VAL A 278 7.66 25.05 3.46
C VAL A 278 8.91 24.59 2.72
N GLY A 279 8.94 23.33 2.29
CA GLY A 279 10.08 22.83 1.54
C GLY A 279 10.07 23.32 0.10
N VAL A 280 11.24 23.64 -0.44
CA VAL A 280 11.38 23.93 -1.86
C VAL A 280 12.59 23.15 -2.37
N PRO A 281 12.57 22.76 -3.65
CA PRO A 281 13.75 22.05 -4.17
C PRO A 281 15.04 22.89 -4.07
N ARG A 282 16.18 22.22 -4.09
CA ARG A 282 17.48 22.89 -4.15
CA ARG A 282 17.45 22.91 -4.13
C ARG A 282 17.52 23.75 -5.40
N GLN A 283 18.33 24.80 -5.36
CA GLN A 283 18.45 25.68 -6.52
C GLN A 283 18.68 24.86 -7.79
N ASP A 284 19.60 23.89 -7.70
CA ASP A 284 19.99 23.09 -8.86
C ASP A 284 18.94 22.06 -9.28
N GLN A 285 17.82 22.03 -8.55
CA GLN A 285 16.75 21.10 -8.87
C GLN A 285 15.51 21.84 -9.40
N ARG A 286 15.65 23.16 -9.58
CA ARG A 286 14.57 24.00 -10.11
C ARG A 286 14.58 24.05 -11.65
N GLU A 287 13.91 23.08 -12.26
CA GLU A 287 13.97 22.81 -13.69
C GLU A 287 12.83 23.52 -14.39
N PHE A 288 13.15 24.21 -15.47
CA PHE A 288 12.15 24.95 -16.25
C PHE A 288 12.26 24.70 -17.73
N TYR A 289 13.15 23.78 -18.12
CA TYR A 289 13.31 23.43 -19.52
C TYR A 289 13.44 24.69 -20.38
N GLY A 290 14.26 25.62 -19.93
CA GLY A 290 14.54 26.82 -20.71
C GLY A 290 13.56 27.97 -20.53
N ASN A 291 12.49 27.75 -19.77
CA ASN A 291 11.52 28.82 -19.66
C ASN A 291 11.93 29.76 -18.53
N THR A 292 12.64 30.82 -18.89
CA THR A 292 13.28 31.65 -17.88
C THR A 292 12.26 32.58 -17.24
N ALA A 293 11.19 32.86 -17.95
CA ALA A 293 10.12 33.64 -17.35
C ALA A 293 9.47 32.84 -16.21
N TYR A 294 9.22 31.55 -16.44
CA TYR A 294 8.65 30.74 -15.37
C TYR A 294 9.64 30.66 -14.18
N ALA A 295 10.92 30.44 -14.47
CA ALA A 295 11.93 30.39 -13.42
C ALA A 295 11.92 31.67 -12.60
N ALA A 296 11.82 32.81 -13.27
CA ALA A 296 11.81 34.09 -12.57
C ALA A 296 10.57 34.20 -11.68
N LEU A 297 9.44 33.73 -12.17
CA LEU A 297 8.20 33.87 -11.39
C LEU A 297 8.16 32.90 -10.19
N TYR A 298 8.78 31.73 -10.33
CA TYR A 298 8.89 30.85 -9.18
C TYR A 298 9.67 31.57 -8.07
N GLN A 299 10.85 32.08 -8.42
CA GLN A 299 11.70 32.79 -7.45
C GLN A 299 10.94 33.95 -6.83
N ARG A 300 10.16 34.66 -7.66
CA ARG A 300 9.36 35.78 -7.20
C ARG A 300 8.38 35.34 -6.12
N ALA A 301 7.70 34.23 -6.36
CA ALA A 301 6.84 33.65 -5.34
C ALA A 301 7.60 33.46 -4.01
N LEU A 302 8.82 32.92 -4.09
CA LEU A 302 9.63 32.74 -2.90
C LEU A 302 9.95 34.12 -2.29
N ASP A 303 10.22 35.10 -3.15
CA ASP A 303 10.51 36.45 -2.66
C ASP A 303 9.35 37.06 -1.86
N GLU A 304 8.12 36.81 -2.30
CA GLU A 304 6.96 37.40 -1.65
C GLU A 304 6.64 36.68 -0.35
N MET A 305 7.03 35.42 -0.29
CA MET A 305 6.67 34.61 0.86
C MET A 305 7.34 34.98 2.17
N ILE A 306 8.40 35.78 2.11
CA ILE A 306 9.03 36.20 3.36
C ILE A 306 8.04 36.98 4.24
N SER A 307 6.98 37.52 3.66
CA SER A 307 6.02 38.21 4.52
C SER A 307 4.78 37.39 4.89
N LEU A 308 4.85 36.10 4.59
CA LEU A 308 3.96 35.15 5.22
C LEU A 308 4.66 34.53 6.43
N ASP A 309 3.85 34.01 7.33
CA ASP A 309 4.35 33.41 8.55
C ASP A 309 4.80 31.94 8.31
N ALA A 310 5.86 31.78 7.54
CA ALA A 310 6.30 30.47 7.12
C ALA A 310 7.80 30.49 6.91
N GLU A 311 8.47 29.39 7.19
CA GLU A 311 9.90 29.33 6.91
C GLU A 311 10.14 28.51 5.66
N LEU A 312 10.96 29.01 4.75
CA LEU A 312 11.38 28.21 3.61
C LEU A 312 12.57 27.31 3.96
N VAL A 313 12.47 26.05 3.55
CA VAL A 313 13.52 25.06 3.78
C VAL A 313 13.85 24.41 2.45
N GLU A 314 15.10 24.53 2.01
CA GLU A 314 15.56 23.80 0.83
C GLU A 314 15.60 22.31 1.15
N ILE A 315 14.99 21.48 0.30
CA ILE A 315 14.98 20.04 0.52
C ILE A 315 15.56 19.35 -0.71
N ASP A 316 15.92 18.09 -0.56
CA ASP A 316 16.41 17.32 -1.69
C ASP A 316 15.19 16.76 -2.44
N PHE A 317 14.94 17.30 -3.62
CA PHE A 317 13.74 16.95 -4.38
C PHE A 317 13.88 15.62 -5.18
N ALA A 318 15.11 15.08 -5.21
CA ALA A 318 15.44 13.91 -6.03
C ALA A 318 14.52 12.70 -5.85
N PRO A 319 14.19 12.36 -4.60
CA PRO A 319 13.36 11.17 -4.50
C PRO A 319 11.93 11.42 -5.01
N PHE A 320 11.44 12.64 -4.88
CA PHE A 320 10.14 12.97 -5.46
C PHE A 320 10.22 12.96 -6.99
N ARG A 321 11.28 13.55 -7.52
CA ARG A 321 11.52 13.58 -8.95
C ARG A 321 11.60 12.16 -9.54
N ASP A 322 12.35 11.28 -8.89
CA ASP A 322 12.55 9.92 -9.41
C ASP A 322 11.31 9.05 -9.25
N ALA A 323 10.52 9.33 -8.23
CA ALA A 323 9.26 8.63 -8.08
C ALA A 323 8.32 9.07 -9.20
N ALA A 324 8.36 10.35 -9.54
CA ALA A 324 7.51 10.86 -10.62
C ALA A 324 7.73 10.11 -11.93
N LYS A 325 8.98 9.76 -12.20
CA LYS A 325 9.34 9.08 -13.43
C LYS A 325 8.75 7.69 -13.58
N LEU A 326 8.40 7.07 -12.46
CA LEU A 326 7.86 5.71 -12.47
C LEU A 326 6.48 5.66 -13.06
N LEU A 327 5.77 6.79 -13.07
CA LEU A 327 4.37 6.74 -13.52
C LEU A 327 4.25 6.32 -14.98
N TYR A 328 4.99 7.01 -15.86
CA TYR A 328 5.01 6.67 -17.26
C TYR A 328 6.31 6.00 -17.67
N GLY A 329 7.37 6.24 -16.92
CA GLY A 329 8.66 5.62 -17.19
C GLY A 329 8.79 4.24 -16.54
N GLY A 330 7.84 3.90 -15.67
CA GLY A 330 7.84 2.64 -14.95
C GLY A 330 6.58 1.89 -15.30
N PRO A 331 6.21 0.89 -14.49
CA PRO A 331 5.14 0.00 -14.94
C PRO A 331 3.72 0.51 -14.71
N TRP A 332 3.53 1.66 -14.06
CA TRP A 332 2.15 2.10 -13.80
C TRP A 332 1.32 2.36 -15.05
N VAL A 333 2.00 2.61 -16.17
CA VAL A 333 1.30 2.84 -17.43
C VAL A 333 0.47 1.60 -17.79
N ALA A 334 0.87 0.45 -17.26
CA ALA A 334 0.13 -0.79 -17.47
C ALA A 334 -1.28 -0.73 -16.89
N GLU A 335 -1.47 0.12 -15.89
CA GLU A 335 -2.83 0.28 -15.36
C GLU A 335 -3.79 0.79 -16.43
N ARG A 336 -3.28 1.60 -17.35
CA ARG A 336 -4.12 2.21 -18.39
C ARG A 336 -4.46 1.15 -19.41
N LEU A 337 -3.50 0.27 -19.65
CA LEU A 337 -3.72 -0.83 -20.56
C LEU A 337 -4.81 -1.72 -19.98
N GLU A 338 -4.83 -1.84 -18.66
CA GLU A 338 -5.84 -2.70 -18.03
C GLU A 338 -7.21 -2.08 -18.26
N ALA A 339 -7.28 -0.76 -18.18
CA ALA A 339 -8.56 -0.03 -18.27
C ALA A 339 -9.20 -0.05 -19.66
N VAL A 340 -8.39 -0.03 -20.71
CA VAL A 340 -8.96 0.09 -22.05
C VAL A 340 -8.51 -1.03 -22.97
N GLY A 341 -7.95 -2.08 -22.37
CA GLY A 341 -7.41 -3.22 -23.11
C GLY A 341 -8.35 -3.87 -24.12
N ASP A 342 -9.62 -4.03 -23.76
CA ASP A 342 -10.57 -4.66 -24.67
C ASP A 342 -10.75 -3.80 -25.92
N HIS A 343 -11.07 -2.52 -25.71
CA HIS A 343 -11.27 -1.61 -26.85
C HIS A 343 -10.01 -1.54 -27.70
N LEU A 344 -8.84 -1.55 -27.06
CA LEU A 344 -7.58 -1.43 -27.77
C LEU A 344 -7.31 -2.65 -28.65
N SER A 345 -7.64 -3.83 -28.15
CA SER A 345 -7.40 -5.04 -28.94
C SER A 345 -8.45 -5.15 -30.05
N ARG A 346 -9.71 -4.83 -29.72
CA ARG A 346 -10.78 -4.71 -30.73
C ARG A 346 -10.44 -3.79 -31.91
N ALA A 347 -9.94 -2.59 -31.62
CA ALA A 347 -9.67 -1.61 -32.69
C ALA A 347 -8.72 -0.52 -32.24
N PRO A 348 -7.43 -0.80 -32.35
CA PRO A 348 -6.51 0.23 -31.88
C PRO A 348 -6.62 1.55 -32.67
N ASP A 349 -7.11 1.52 -33.91
CA ASP A 349 -7.24 2.78 -34.68
C ASP A 349 -8.34 3.68 -34.10
N SER A 350 -9.14 3.14 -33.20
CA SER A 350 -10.16 3.94 -32.56
C SER A 350 -9.54 4.92 -31.52
N PHE A 351 -8.24 4.78 -31.26
CA PHE A 351 -7.56 5.58 -30.25
C PHE A 351 -6.80 6.77 -30.82
N ASP A 352 -6.75 7.84 -30.04
CA ASP A 352 -5.82 8.91 -30.33
C ASP A 352 -4.45 8.24 -30.53
N PRO A 353 -3.74 8.67 -31.56
CA PRO A 353 -2.49 8.05 -31.96
C PRO A 353 -1.39 8.13 -30.89
N VAL A 354 -1.34 9.20 -30.11
CA VAL A 354 -0.31 9.30 -29.08
C VAL A 354 -0.65 8.42 -27.87
N VAL A 355 -1.90 8.48 -27.44
CA VAL A 355 -2.37 7.66 -26.36
C VAL A 355 -2.22 6.18 -26.75
N ARG A 356 -2.63 5.84 -27.96
CA ARG A 356 -2.49 4.49 -28.47
C ARG A 356 -1.07 3.96 -28.34
N SER A 357 -0.09 4.72 -28.81
CA SER A 357 1.26 4.20 -28.75
C SER A 357 1.75 4.06 -27.31
N ILE A 358 1.32 4.95 -26.43
CA ILE A 358 1.74 4.86 -25.04
C ILE A 358 1.21 3.59 -24.39
N VAL A 359 -0.06 3.32 -24.59
CA VAL A 359 -0.71 2.17 -23.99
C VAL A 359 -0.28 0.84 -24.68
N GLU A 360 0.00 0.89 -25.99
CA GLU A 360 0.48 -0.30 -26.69
C GLU A 360 1.83 -0.73 -26.14
N THR A 361 2.66 0.24 -25.80
CA THR A 361 3.98 -0.08 -25.30
C THR A 361 3.93 -0.78 -23.93
N ALA A 362 2.94 -0.43 -23.11
CA ALA A 362 2.76 -1.07 -21.83
C ALA A 362 2.59 -2.58 -21.95
N LYS A 363 2.23 -3.06 -23.15
CA LYS A 363 1.96 -4.49 -23.36
C LYS A 363 3.18 -5.36 -23.07
N THR A 364 4.36 -4.77 -23.16
CA THR A 364 5.60 -5.52 -22.99
C THR A 364 6.02 -5.63 -21.51
N LEU A 365 5.25 -5.03 -20.60
CA LEU A 365 5.62 -5.07 -19.19
C LEU A 365 5.13 -6.36 -18.54
N SER A 366 6.02 -7.04 -17.82
CA SER A 366 5.65 -8.24 -17.07
C SER A 366 5.24 -7.93 -15.63
N ALA A 367 4.69 -8.93 -14.95
CA ALA A 367 4.44 -8.81 -13.52
C ALA A 367 5.75 -8.56 -12.76
N VAL A 368 6.84 -9.12 -13.27
CA VAL A 368 8.13 -8.86 -12.68
C VAL A 368 8.49 -7.36 -12.74
N ASP A 369 8.30 -6.75 -13.91
CA ASP A 369 8.52 -5.31 -14.07
C ASP A 369 7.65 -4.53 -13.08
N ALA A 370 6.40 -4.95 -12.94
CA ALA A 370 5.47 -4.28 -12.03
C ALA A 370 5.96 -4.34 -10.58
N PHE A 371 6.42 -5.51 -10.14
CA PHE A 371 6.96 -5.61 -8.79
C PHE A 371 8.26 -4.81 -8.57
N ARG A 372 9.18 -4.85 -9.54
CA ARG A 372 10.40 -4.03 -9.45
C ARG A 372 10.08 -2.54 -9.29
N GLY A 373 9.08 -2.07 -10.03
CA GLY A 373 8.64 -0.69 -9.91
C GLY A 373 8.16 -0.43 -8.49
N GLN A 374 7.39 -1.36 -7.95
CA GLN A 374 6.95 -1.20 -6.56
C GLN A 374 8.12 -1.21 -5.58
N TYR A 375 9.15 -2.02 -5.85
CA TYR A 375 10.30 -2.07 -4.96
C TYR A 375 10.98 -0.71 -5.00
N GLU A 376 11.17 -0.20 -6.21
CA GLU A 376 11.80 1.10 -6.40
C GLU A 376 10.99 2.21 -5.71
N LEU A 377 9.68 2.18 -5.89
CA LEU A 377 8.81 3.14 -5.20
C LEU A 377 8.95 3.06 -3.68
N ALA A 378 9.04 1.85 -3.13
CA ALA A 378 9.11 1.67 -1.68
C ALA A 378 10.40 2.29 -1.15
N ALA A 379 11.51 2.06 -1.85
CA ALA A 379 12.80 2.67 -1.50
C ALA A 379 12.72 4.19 -1.61
N LEU A 380 12.22 4.68 -2.74
CA LEU A 380 12.06 6.13 -2.91
C LEU A 380 11.13 6.72 -1.84
N THR A 381 10.15 5.94 -1.41
CA THR A 381 9.31 6.40 -0.32
C THR A 381 10.14 6.60 0.96
N GLN A 382 11.09 5.69 1.22
CA GLN A 382 11.93 5.84 2.42
C GLN A 382 12.65 7.20 2.33
N GLN A 383 13.24 7.48 1.17
CA GLN A 383 14.03 8.69 1.01
C GLN A 383 13.17 9.96 1.10
N ALA A 384 11.98 9.88 0.54
CA ALA A 384 11.05 11.01 0.58
C ALA A 384 10.66 11.29 2.03
N ASN A 385 10.42 10.23 2.80
CA ASN A 385 10.02 10.37 4.18
C ASN A 385 11.11 11.11 4.95
N ALA A 386 12.37 10.90 4.57
CA ALA A 386 13.45 11.60 5.25
C ALA A 386 13.35 13.09 4.92
N GLN A 387 12.93 13.39 3.70
CA GLN A 387 12.76 14.80 3.36
C GLN A 387 11.54 15.39 4.06
N TRP A 388 10.45 14.62 4.17
CA TRP A 388 9.27 15.07 4.88
C TRP A 388 9.55 15.42 6.34
N ALA A 389 10.60 14.83 6.91
CA ALA A 389 10.98 15.14 8.28
C ALA A 389 11.47 16.58 8.40
N ARG A 390 11.73 17.22 7.26
CA ARG A 390 12.32 18.56 7.24
C ARG A 390 11.32 19.68 6.93
N MET A 391 10.09 19.31 6.58
CA MET A 391 9.11 20.29 6.14
C MET A 391 7.75 19.78 6.49
N ASP A 392 6.79 20.69 6.46
CA ASP A 392 5.39 20.34 6.69
C ASP A 392 4.65 20.17 5.36
N ILE A 393 5.08 20.95 4.36
CA ILE A 393 4.39 21.01 3.08
C ILE A 393 5.44 21.35 2.01
N LEU A 394 5.19 20.94 0.78
CA LEU A 394 6.15 21.18 -0.29
C LEU A 394 5.57 22.18 -1.30
N LEU A 395 6.37 23.16 -1.72
CA LEU A 395 5.92 24.16 -2.68
C LEU A 395 6.67 24.09 -4.02
N LEU A 396 5.94 23.80 -5.09
CA LEU A 396 6.55 23.54 -6.40
C LEU A 396 5.97 24.43 -7.50
N PRO A 397 6.74 24.68 -8.57
CA PRO A 397 6.06 25.16 -9.78
C PRO A 397 5.01 24.13 -10.17
N THR A 398 3.83 24.57 -10.58
CA THR A 398 2.86 23.58 -10.98
C THR A 398 3.42 22.83 -12.19
N ALA A 399 3.94 23.57 -13.16
CA ALA A 399 4.57 22.96 -14.30
C ALA A 399 5.80 23.79 -14.63
N PRO A 400 6.78 23.19 -15.30
CA PRO A 400 8.03 23.91 -15.54
C PRO A 400 7.90 24.85 -16.70
N THR A 401 6.88 24.67 -17.52
CA THR A 401 6.71 25.53 -18.68
C THR A 401 5.32 25.37 -19.24
N ILE A 402 5.05 26.11 -20.32
CA ILE A 402 3.78 26.02 -21.00
C ILE A 402 4.07 26.07 -22.49
N HIS A 403 3.25 25.42 -23.29
CA HIS A 403 3.61 25.19 -24.69
C HIS A 403 2.53 25.66 -25.65
N LYS A 404 2.95 26.12 -26.82
CA LYS A 404 2.01 26.35 -27.90
C LYS A 404 1.44 25.04 -28.40
N VAL A 405 0.17 25.05 -28.73
CA VAL A 405 -0.48 23.87 -29.25
C VAL A 405 0.33 23.29 -30.40
N GLU A 406 0.85 24.14 -31.28
CA GLU A 406 1.57 23.67 -32.47
C GLU A 406 2.88 23.04 -32.11
N ALA A 407 3.54 23.59 -31.10
CA ALA A 407 4.77 22.97 -30.61
C ALA A 407 4.49 21.54 -30.14
N VAL A 408 3.41 21.35 -29.40
CA VAL A 408 3.08 20.03 -28.87
C VAL A 408 2.72 19.06 -30.01
N MET A 409 1.97 19.52 -31.01
CA MET A 409 1.60 18.69 -32.15
C MET A 409 2.83 18.09 -32.81
N ALA A 410 3.90 18.87 -32.90
CA ALA A 410 5.13 18.41 -33.52
C ALA A 410 5.94 17.50 -32.63
N ASP A 411 5.71 17.58 -31.32
CA ASP A 411 6.60 16.93 -30.38
C ASP A 411 5.79 16.42 -29.19
N PRO A 412 4.80 15.59 -29.48
CA PRO A 412 3.66 15.32 -28.60
C PRO A 412 3.94 14.40 -27.40
N VAL A 413 5.03 13.64 -27.42
CA VAL A 413 5.34 12.79 -26.27
C VAL A 413 6.26 13.56 -25.34
N ARG A 414 7.40 13.98 -25.88
CA ARG A 414 8.44 14.68 -25.14
C ARG A 414 7.90 15.92 -24.41
N LEU A 415 7.19 16.78 -25.12
CA LEU A 415 6.74 18.03 -24.54
C LEU A 415 5.68 17.78 -23.45
N ASN A 416 4.91 16.73 -23.61
CA ASN A 416 3.96 16.35 -22.58
C ASN A 416 4.69 15.91 -21.30
N SER A 417 5.72 15.09 -21.48
CA SER A 417 6.43 14.52 -20.35
C SER A 417 7.04 15.61 -19.50
N GLN A 418 7.55 16.66 -20.14
CA GLN A 418 8.05 17.82 -19.43
C GLN A 418 7.02 18.34 -18.42
N LEU A 419 5.75 18.35 -18.80
CA LEU A 419 4.72 18.92 -17.92
C LEU A 419 4.48 18.09 -16.66
N GLY A 420 4.94 16.84 -16.65
CA GLY A 420 4.74 15.99 -15.50
C GLY A 420 5.87 16.06 -14.49
N HIS A 421 6.83 16.95 -14.72
CA HIS A 421 8.08 16.96 -13.96
C HIS A 421 7.89 17.06 -12.45
N TYR A 422 6.96 17.93 -12.05
CA TYR A 422 6.69 18.17 -10.64
C TYR A 422 5.41 17.48 -10.14
N THR A 423 4.60 16.95 -11.05
CA THR A 423 3.28 16.46 -10.64
C THR A 423 3.25 14.94 -10.40
N ASN A 424 4.03 14.20 -11.19
CA ASN A 424 3.80 12.78 -11.38
C ASN A 424 4.04 11.86 -10.17
N PHE A 425 4.73 12.35 -9.13
CA PHE A 425 4.95 11.56 -7.91
C PHE A 425 3.79 11.58 -6.94
N VAL A 426 2.90 12.55 -7.08
CA VAL A 426 1.97 12.88 -6.00
C VAL A 426 1.01 11.74 -5.58
N ASN A 427 0.36 11.09 -6.54
CA ASN A 427 -0.50 9.97 -6.14
C ASN A 427 0.28 8.68 -5.81
N LEU A 428 1.38 8.43 -6.53
CA LEU A 428 2.30 7.36 -6.15
C LEU A 428 2.79 7.46 -4.70
N LEU A 429 3.09 8.66 -4.22
CA LEU A 429 3.58 8.81 -2.84
C LEU A 429 2.47 9.17 -1.89
N ASP A 430 1.22 8.99 -2.32
CA ASP A 430 0.05 9.16 -1.45
C ASP A 430 0.01 10.56 -0.80
N CYS A 431 -0.01 11.58 -1.65
CA CYS A 431 -0.03 12.95 -1.16
C CYS A 431 -1.30 13.66 -1.56
N ALA A 432 -1.57 14.76 -0.88
CA ALA A 432 -2.64 15.69 -1.25
C ALA A 432 -1.98 16.91 -1.91
N ALA A 433 -2.74 17.65 -2.70
CA ALA A 433 -2.20 18.81 -3.41
C ALA A 433 -3.24 19.88 -3.68
N ILE A 434 -2.80 21.13 -3.73
CA ILE A 434 -3.66 22.23 -4.19
C ILE A 434 -2.84 23.12 -5.10
N ALA A 435 -3.37 23.40 -6.28
CA ALA A 435 -2.71 24.29 -7.21
C ALA A 435 -3.37 25.67 -7.08
N VAL A 436 -2.55 26.71 -6.94
CA VAL A 436 -3.09 28.07 -6.86
C VAL A 436 -2.33 29.03 -7.81
N PRO A 437 -3.04 30.07 -8.28
CA PRO A 437 -2.38 31.10 -9.09
C PRO A 437 -1.18 31.69 -8.36
N ALA A 438 -0.09 31.90 -9.09
CA ALA A 438 1.07 32.53 -8.49
C ALA A 438 1.52 33.77 -9.28
N GLY A 439 0.79 34.10 -10.34
CA GLY A 439 1.04 35.33 -11.07
C GLY A 439 1.07 35.15 -12.57
N PHE A 440 1.65 36.12 -13.26
CA PHE A 440 1.71 36.14 -14.73
C PHE A 440 3.09 36.59 -15.22
N ILE A 441 3.61 35.93 -16.25
CA ILE A 441 4.81 36.43 -16.88
C ILE A 441 4.48 37.59 -17.80
N GLU A 442 5.51 38.31 -18.21
CA GLU A 442 5.33 39.55 -18.95
C GLU A 442 4.49 39.42 -20.23
N THR A 443 4.60 38.30 -20.93
CA THR A 443 3.82 38.09 -22.17
C THR A 443 2.32 37.82 -21.98
N GLY A 444 1.85 37.80 -20.73
CA GLY A 444 0.44 37.61 -20.44
C GLY A 444 -0.01 36.18 -20.11
N LEU A 445 0.94 35.25 -19.96
CA LEU A 445 0.56 33.87 -19.60
C LEU A 445 0.65 33.63 -18.09
N PRO A 446 -0.30 32.85 -17.53
CA PRO A 446 -0.25 32.63 -16.07
C PRO A 446 0.87 31.68 -15.68
N PHE A 447 1.26 31.74 -14.42
CA PHE A 447 2.21 30.81 -13.82
C PHE A 447 1.62 30.35 -12.50
N GLY A 448 1.48 29.05 -12.31
CA GLY A 448 0.86 28.52 -11.10
C GLY A 448 1.87 27.77 -10.25
N VAL A 449 1.59 27.66 -8.96
CA VAL A 449 2.38 26.79 -8.10
C VAL A 449 1.45 25.79 -7.48
N THR A 450 2.05 24.71 -6.98
CA THR A 450 1.31 23.65 -6.32
C THR A 450 1.86 23.38 -4.93
N LEU A 451 0.97 23.29 -3.95
CA LEU A 451 1.37 22.84 -2.62
C LEU A 451 1.11 21.36 -2.48
N VAL A 452 2.10 20.63 -2.00
CA VAL A 452 1.97 19.19 -1.82
C VAL A 452 2.11 18.86 -0.32
N GLY A 453 1.15 18.11 0.20
CA GLY A 453 1.18 17.70 1.60
C GLY A 453 0.88 16.22 1.75
N PRO A 454 1.13 15.67 2.95
CA PRO A 454 0.88 14.24 3.22
C PRO A 454 -0.60 13.87 3.12
N ALA A 455 -0.88 12.59 2.94
CA ALA A 455 -2.25 12.08 2.92
C ALA A 455 -3.11 12.61 4.07
N PHE A 456 -4.34 13.02 3.74
CA PHE A 456 -5.32 13.49 4.72
C PHE A 456 -4.99 14.85 5.32
N SER A 457 -4.03 15.54 4.74
CA SER A 457 -3.73 16.89 5.21
C SER A 457 -4.54 17.95 4.47
N ASP A 458 -5.63 17.52 3.82
CA ASP A 458 -6.42 18.35 2.90
C ASP A 458 -6.96 19.63 3.52
N ASP A 459 -7.55 19.55 4.72
CA ASP A 459 -8.06 20.76 5.36
C ASP A 459 -7.00 21.77 5.75
N SER A 460 -5.90 21.32 6.33
CA SER A 460 -4.82 22.20 6.75
C SER A 460 -4.14 22.82 5.54
N MET A 461 -4.02 22.04 4.48
CA MET A 461 -3.47 22.55 3.23
C MET A 461 -4.32 23.66 2.63
N ALA A 462 -5.64 23.50 2.69
CA ALA A 462 -6.52 24.50 2.13
C ALA A 462 -6.22 25.86 2.76
N LEU A 463 -6.02 25.90 4.08
CA LEU A 463 -5.75 27.16 4.76
C LEU A 463 -4.45 27.79 4.28
N ILE A 464 -3.42 26.97 4.17
CA ILE A 464 -2.16 27.46 3.66
C ILE A 464 -2.24 27.96 2.21
N ALA A 465 -2.84 27.14 1.34
CA ALA A 465 -3.00 27.52 -0.06
C ALA A 465 -3.81 28.81 -0.22
N ASP A 466 -4.91 28.95 0.51
CA ASP A 466 -5.72 30.16 0.45
C ASP A 466 -4.85 31.39 0.74
N ARG A 467 -4.00 31.26 1.76
CA ARG A 467 -3.17 32.37 2.18
C ARG A 467 -2.18 32.71 1.10
N LEU A 468 -1.55 31.68 0.56
CA LEU A 468 -0.56 31.86 -0.50
C LEU A 468 -1.18 32.48 -1.77
N HIS A 469 -2.33 31.97 -2.17
CA HIS A 469 -3.03 32.46 -3.35
C HIS A 469 -3.30 33.96 -3.20
N ARG A 470 -3.86 34.31 -2.05
CA ARG A 470 -4.26 35.70 -1.79
C ARG A 470 -3.08 36.63 -1.64
N ARG A 471 -1.92 36.05 -1.37
CA ARG A 471 -0.68 36.78 -1.28
C ARG A 471 -0.05 37.01 -2.65
N LEU A 472 -0.14 35.99 -3.51
CA LEU A 472 0.62 35.99 -4.75
C LEU A 472 -0.14 36.59 -5.93
N GLU A 473 -1.40 36.18 -6.08
CA GLU A 473 -2.14 36.49 -7.30
C GLU A 473 -3.60 36.35 -7.01
N PRO A 474 -4.16 37.29 -6.23
CA PRO A 474 -5.49 37.12 -5.62
C PRO A 474 -6.63 37.41 -6.60
N GLY A 475 -6.75 36.59 -7.64
CA GLY A 475 -7.82 36.67 -8.62
C GLY A 475 -7.88 35.29 -9.27
N TYR A 476 -8.90 35.05 -10.08
CA TYR A 476 -9.03 33.75 -10.75
C TYR A 476 -9.55 33.92 -12.18
N GLY A 477 -9.31 32.92 -13.01
CA GLY A 477 -9.89 32.84 -14.33
C GLY A 477 -9.36 33.88 -15.32
N GLN A 478 -9.98 33.93 -16.50
CA GLN A 478 -9.49 34.78 -17.60
C GLN A 478 -9.42 36.28 -17.27
N ASP A 479 -10.26 36.77 -16.37
CA ASP A 479 -10.24 38.21 -16.02
C ASP A 479 -9.40 38.54 -14.75
N ARG A 480 -8.73 37.53 -14.20
CA ARG A 480 -8.06 37.70 -12.90
C ARG A 480 -9.07 38.29 -11.95
N ALA A 481 -10.26 37.69 -11.96
CA ALA A 481 -11.41 38.27 -11.29
C ALA A 481 -11.31 38.19 -9.77
N SER A 482 -12.01 39.11 -9.12
CA SER A 482 -12.14 39.16 -7.66
C SER A 482 -12.48 37.79 -7.09
N LEU A 483 -11.72 37.36 -6.09
CA LEU A 483 -11.99 36.08 -5.45
C LEU A 483 -13.24 36.24 -4.60
N PRO A 484 -14.16 35.28 -4.70
CA PRO A 484 -15.31 35.30 -3.81
C PRO A 484 -14.86 35.11 -2.36
N ASP A 485 -15.67 35.58 -1.43
CA ASP A 485 -15.49 35.27 -0.03
C ASP A 485 -16.20 33.93 0.19
N PRO A 486 -15.83 33.20 1.26
CA PRO A 486 -14.97 33.71 2.34
C PRO A 486 -13.48 33.39 2.17
N VAL A 487 -12.68 34.20 2.86
CA VAL A 487 -11.30 33.86 3.16
C VAL A 487 -11.33 32.74 4.23
N LEU A 488 -10.47 31.74 4.10
CA LEU A 488 -10.37 30.69 5.11
C LEU A 488 -9.64 31.19 6.36
N GLU A 489 -10.10 30.77 7.53
CA GLU A 489 -9.44 31.16 8.79
C GLU A 489 -9.07 29.93 9.64
N GLU A 490 -8.05 30.07 10.48
CA GLU A 490 -7.62 28.95 11.34
C GLU A 490 -8.74 28.52 12.29
N THR A 491 -8.80 27.23 12.59
CA THR A 491 -9.77 26.72 13.57
C THR A 491 -9.12 25.74 14.56
N LEU B 32 19.64 -29.22 31.96
CA LEU B 32 19.50 -27.97 31.22
C LEU B 32 18.20 -27.92 30.42
N SER B 33 17.41 -26.90 30.68
CA SER B 33 16.28 -26.62 29.80
C SER B 33 16.73 -25.58 28.76
N MET B 34 16.64 -25.94 27.47
CA MET B 34 17.02 -25.02 26.38
C MET B 34 15.94 -24.01 26.10
N THR B 35 15.73 -23.09 27.02
CA THR B 35 14.81 -22.00 26.83
C THR B 35 15.55 -20.80 27.34
N LEU B 36 15.01 -19.61 27.12
CA LEU B 36 15.66 -18.41 27.66
C LEU B 36 15.73 -18.54 29.17
N GLU B 37 14.62 -18.94 29.78
CA GLU B 37 14.58 -19.07 31.24
C GLU B 37 15.51 -20.18 31.74
N GLY B 38 15.44 -21.35 31.12
CA GLY B 38 16.28 -22.47 31.47
C GLY B 38 17.77 -22.11 31.47
N ILE B 39 18.21 -21.42 30.43
CA ILE B 39 19.60 -21.01 30.30
C ILE B 39 19.98 -19.95 31.33
N GLN B 40 19.19 -18.88 31.42
CA GLN B 40 19.42 -17.89 32.46
C GLN B 40 19.59 -18.57 33.83
N ALA B 41 18.77 -19.58 34.10
CA ALA B 41 18.76 -20.25 35.41
C ALA B 41 20.01 -21.11 35.61
N PHE B 42 20.38 -21.81 34.55
CA PHE B 42 21.55 -22.67 34.57
C PHE B 42 22.82 -21.85 34.76
N LEU B 43 22.85 -20.67 34.14
CA LEU B 43 24.02 -19.81 34.29
C LEU B 43 24.06 -19.24 35.71
N ALA B 44 22.89 -18.82 36.19
CA ALA B 44 22.77 -18.27 37.53
C ALA B 44 23.30 -19.23 38.61
N GLN B 45 22.99 -20.53 38.47
CA GLN B 45 23.38 -21.52 39.47
CA GLN B 45 23.38 -21.52 39.47
C GLN B 45 24.76 -22.14 39.23
N GLY B 46 25.67 -21.36 38.65
CA GLY B 46 27.04 -21.80 38.48
C GLY B 46 27.45 -22.38 37.12
N GLY B 47 26.50 -22.56 36.22
CA GLY B 47 26.78 -23.09 34.90
C GLY B 47 27.43 -22.06 33.99
N THR B 48 28.08 -22.53 32.92
CA THR B 48 28.75 -21.64 31.96
C THR B 48 28.15 -21.70 30.56
N ILE B 49 28.37 -20.66 29.78
CA ILE B 49 27.91 -20.64 28.40
C ILE B 49 28.57 -21.78 27.62
N GLU B 50 29.83 -22.05 27.95
CA GLU B 50 30.60 -23.08 27.28
C GLU B 50 29.91 -24.44 27.50
N GLN B 51 29.41 -24.63 28.71
CA GLN B 51 28.67 -25.85 28.99
C GLN B 51 27.33 -25.88 28.25
N VAL B 52 26.70 -24.72 28.10
CA VAL B 52 25.42 -24.66 27.37
C VAL B 52 25.62 -25.09 25.92
N VAL B 53 26.65 -24.53 25.28
CA VAL B 53 27.04 -24.92 23.93
C VAL B 53 27.43 -26.39 23.83
N THR B 54 28.20 -26.88 24.80
CA THR B 54 28.59 -28.29 24.80
C THR B 54 27.36 -29.18 24.74
N GLU B 55 26.43 -28.93 25.64
CA GLU B 55 25.18 -29.65 25.69
C GLU B 55 24.38 -29.52 24.38
N ALA B 56 24.28 -28.31 23.83
CA ALA B 56 23.56 -28.13 22.56
C ALA B 56 24.20 -29.03 21.49
N TYR B 57 25.50 -28.91 21.36
CA TYR B 57 26.21 -29.78 20.42
C TYR B 57 26.02 -31.27 20.67
N ASP B 58 26.05 -31.68 21.94
CA ASP B 58 25.76 -33.07 22.29
C ASP B 58 24.40 -33.47 21.77
N ARG B 59 23.41 -32.60 21.95
CA ARG B 59 22.04 -32.90 21.49
C ARG B 59 21.98 -32.92 19.99
N ILE B 60 22.63 -31.96 19.36
CA ILE B 60 22.70 -31.92 17.91
C ILE B 60 23.28 -33.21 17.35
N THR B 61 24.32 -33.72 17.99
CA THR B 61 25.02 -34.90 17.51
C THR B 61 24.16 -36.16 17.63
N ARG B 62 23.28 -36.19 18.64
CA ARG B 62 22.46 -37.37 18.91
C ARG B 62 21.11 -37.34 18.19
N TYR B 63 20.64 -36.13 17.84
CA TYR B 63 19.35 -36.04 17.18
C TYR B 63 19.43 -36.84 15.87
N GLY B 64 18.42 -37.62 15.56
CA GLY B 64 18.59 -38.53 14.44
C GLY B 64 17.91 -38.12 13.15
N ASP B 65 17.73 -36.81 12.92
CA ASP B 65 17.15 -36.28 11.66
C ASP B 65 18.25 -35.65 10.78
N LYS B 66 18.58 -36.30 9.68
CA LYS B 66 19.73 -35.87 8.90
C LYS B 66 19.47 -34.57 8.12
N ALA B 67 18.22 -34.13 8.11
CA ALA B 67 17.84 -33.01 7.25
C ALA B 67 17.72 -31.68 8.00
N VAL B 68 17.99 -31.66 9.30
CA VAL B 68 17.75 -30.43 10.06
C VAL B 68 18.63 -29.25 9.62
N TRP B 69 19.90 -29.52 9.41
CA TRP B 69 20.87 -28.46 9.25
C TRP B 69 21.47 -28.49 7.86
N ILE B 70 21.73 -27.32 7.32
CA ILE B 70 22.50 -27.23 6.10
C ILE B 70 23.97 -27.00 6.44
N ALA B 71 24.23 -26.05 7.34
CA ALA B 71 25.62 -25.71 7.68
C ALA B 71 25.78 -25.46 9.17
N LEU B 72 26.53 -26.32 9.83
CA LEU B 72 26.76 -26.18 11.27
C LEU B 72 28.13 -25.62 11.52
N ARG B 73 28.23 -24.69 12.47
CA ARG B 73 29.56 -24.26 12.88
C ARG B 73 30.36 -25.40 13.51
N PRO B 74 31.71 -25.33 13.46
CA PRO B 74 32.46 -26.32 14.23
C PRO B 74 32.35 -26.05 15.74
N ARG B 75 32.13 -27.10 16.53
CA ARG B 75 31.89 -26.92 17.95
C ARG B 75 33.00 -26.07 18.58
N GLU B 76 34.25 -26.27 18.17
CA GLU B 76 35.34 -25.59 18.85
C GLU B 76 35.31 -24.08 18.65
N GLU B 77 34.88 -23.62 17.48
CA GLU B 77 34.75 -22.19 17.29
C GLU B 77 33.57 -21.60 18.10
N VAL B 78 32.50 -22.37 18.26
CA VAL B 78 31.38 -21.88 19.04
C VAL B 78 31.76 -21.85 20.52
N LEU B 79 32.60 -22.80 20.93
CA LEU B 79 33.06 -22.87 22.32
C LEU B 79 33.96 -21.68 22.62
N ALA B 80 34.83 -21.34 21.66
CA ALA B 80 35.66 -20.15 21.77
C ALA B 80 34.82 -18.88 21.93
N GLU B 81 33.74 -18.78 21.18
CA GLU B 81 32.86 -17.61 21.30
C GLU B 81 32.15 -17.66 22.66
N ALA B 82 31.71 -18.85 23.06
CA ALA B 82 31.10 -19.08 24.36
C ALA B 82 32.00 -18.58 25.52
N ARG B 83 33.28 -18.94 25.46
CA ARG B 83 34.24 -18.56 26.50
C ARG B 83 34.42 -17.05 26.56
N ALA B 84 34.59 -16.43 25.40
CA ALA B 84 34.78 -14.99 25.32
C ALA B 84 33.63 -14.26 25.98
N LEU B 85 32.43 -14.75 25.70
CA LEU B 85 31.22 -14.18 26.23
C LEU B 85 31.08 -14.46 27.73
N ASP B 86 31.43 -15.68 28.14
CA ASP B 86 31.51 -16.08 29.55
C ASP B 86 32.34 -15.08 30.35
N ALA B 87 33.45 -14.65 29.74
CA ALA B 87 34.36 -13.70 30.34
C ALA B 87 33.90 -12.25 30.25
N SER B 88 32.76 -12.01 29.62
CA SER B 88 32.23 -10.65 29.59
C SER B 88 31.01 -10.51 30.50
N PRO B 89 30.64 -9.27 30.83
CA PRO B 89 29.47 -9.01 31.67
C PRO B 89 28.17 -9.46 30.99
N ALA B 90 27.20 -9.93 31.78
CA ALA B 90 25.87 -10.26 31.24
C ALA B 90 25.05 -9.00 31.11
N THR B 91 25.56 -7.90 31.66
CA THR B 91 24.85 -6.62 31.62
C THR B 91 24.57 -6.13 30.20
N GLY B 92 23.32 -5.74 29.96
CA GLY B 92 22.93 -5.29 28.63
C GLY B 92 22.83 -6.39 27.58
N LYS B 93 22.85 -7.65 28.01
CA LYS B 93 22.68 -8.76 27.08
C LYS B 93 21.52 -9.65 27.51
N PRO B 94 20.31 -9.27 27.10
CA PRO B 94 19.09 -10.00 27.50
C PRO B 94 19.06 -11.43 26.97
N LEU B 95 19.92 -11.76 26.01
CA LEU B 95 19.99 -13.13 25.49
C LEU B 95 21.36 -13.75 25.76
N TYR B 96 21.95 -13.31 26.87
CA TYR B 96 23.28 -13.76 27.29
C TYR B 96 23.50 -15.26 27.15
N GLY B 97 24.34 -15.65 26.18
CA GLY B 97 24.73 -17.04 26.00
C GLY B 97 23.72 -18.00 25.41
N VAL B 98 22.67 -17.45 24.81
CA VAL B 98 21.56 -18.26 24.32
C VAL B 98 21.81 -18.76 22.90
N PRO B 99 21.90 -20.09 22.72
CA PRO B 99 22.07 -20.66 21.36
C PRO B 99 20.81 -20.54 20.50
N PHE B 100 20.99 -20.19 19.22
CA PHE B 100 19.86 -20.20 18.29
C PHE B 100 20.27 -20.67 16.90
N ALA B 101 19.28 -21.17 16.15
CA ALA B 101 19.47 -21.57 14.76
C ALA B 101 18.88 -20.51 13.82
N VAL B 102 19.52 -20.35 12.67
CA VAL B 102 19.05 -19.38 11.70
C VAL B 102 18.77 -20.07 10.37
N LYS B 103 17.54 -19.94 9.90
CA LYS B 103 17.14 -20.40 8.57
C LYS B 103 18.13 -19.95 7.46
N ASP B 104 18.46 -20.88 6.56
CA ASP B 104 19.51 -20.62 5.57
C ASP B 104 19.13 -19.71 4.37
N ASN B 105 18.12 -18.86 4.56
CA ASN B 105 17.88 -17.70 3.68
C ASN B 105 18.17 -16.39 4.43
N ILE B 106 18.76 -16.52 5.62
CA ILE B 106 19.09 -15.35 6.43
C ILE B 106 20.58 -15.29 6.64
N ASP B 107 21.20 -14.15 6.33
CA ASP B 107 22.66 -14.04 6.41
C ASP B 107 23.23 -14.13 7.84
N VAL B 108 24.24 -14.98 8.02
CA VAL B 108 25.04 -14.99 9.22
C VAL B 108 26.52 -14.97 8.80
N ALA B 109 27.23 -13.94 9.23
CA ALA B 109 28.63 -13.81 8.87
C ALA B 109 29.43 -15.01 9.39
N GLY B 110 30.24 -15.60 8.51
CA GLY B 110 31.10 -16.71 8.87
C GLY B 110 30.50 -18.04 8.45
N LEU B 111 29.28 -17.99 7.89
CA LEU B 111 28.69 -19.19 7.35
C LEU B 111 28.18 -18.91 5.95
N PRO B 112 28.11 -19.95 5.11
CA PRO B 112 27.48 -19.70 3.80
C PRO B 112 25.98 -19.52 3.94
N CYS B 113 25.35 -19.00 2.88
CA CYS B 113 23.93 -18.82 2.87
C CYS B 113 23.46 -19.24 1.48
N SER B 114 22.43 -20.09 1.41
CA SER B 114 22.14 -20.77 0.14
C SER B 114 20.68 -20.78 -0.24
N ALA B 115 19.79 -20.42 0.70
CA ALA B 115 18.35 -20.62 0.51
C ALA B 115 18.00 -22.04 0.08
N ALA B 116 18.84 -22.99 0.55
CA ALA B 116 18.70 -24.41 0.20
C ALA B 116 18.87 -24.68 -1.31
N CYS B 117 19.61 -23.81 -1.99
CA CYS B 117 19.96 -23.98 -3.41
C CYS B 117 21.47 -23.91 -3.55
N PRO B 118 22.11 -25.08 -3.69
CA PRO B 118 23.56 -25.07 -3.76
C PRO B 118 24.09 -24.06 -4.78
N ALA B 119 23.51 -24.00 -5.98
CA ALA B 119 24.00 -23.05 -7.01
C ALA B 119 23.87 -21.58 -6.58
N PHE B 120 22.96 -21.32 -5.63
CA PHE B 120 22.74 -19.95 -5.14
C PHE B 120 23.74 -19.54 -4.09
N THR B 121 24.47 -20.51 -3.55
CA THR B 121 25.27 -20.30 -2.35
C THR B 121 26.21 -19.09 -2.43
N TYR B 122 26.22 -18.24 -1.40
CA TYR B 122 27.18 -17.14 -1.30
C TYR B 122 27.70 -17.05 0.14
N GLU B 123 28.73 -16.23 0.37
CA GLU B 123 29.36 -16.08 1.69
C GLU B 123 29.13 -14.69 2.23
N PRO B 124 28.07 -14.49 3.03
CA PRO B 124 27.84 -13.08 3.39
C PRO B 124 28.94 -12.52 4.28
N ASP B 125 29.33 -11.27 4.02
CA ASP B 125 30.33 -10.54 4.82
C ASP B 125 29.77 -10.09 6.16
N ARG B 126 28.46 -9.90 6.22
CA ARG B 126 27.82 -9.35 7.41
C ARG B 126 26.59 -10.14 7.86
N ASP B 127 26.34 -10.13 9.16
CA ASP B 127 25.10 -10.65 9.72
C ASP B 127 23.93 -9.88 9.12
N ALA B 128 22.83 -10.55 8.81
CA ALA B 128 21.59 -9.82 8.56
C ALA B 128 21.32 -8.93 9.79
N THR B 129 20.63 -7.83 9.58
CA THR B 129 20.34 -6.90 10.67
C THR B 129 19.76 -7.59 11.91
N VAL B 130 18.72 -8.41 11.74
CA VAL B 130 18.09 -9.08 12.88
C VAL B 130 19.08 -10.00 13.60
N VAL B 131 19.93 -10.68 12.83
CA VAL B 131 21.00 -11.49 13.42
C VAL B 131 21.99 -10.65 14.22
N ALA B 132 22.42 -9.53 13.64
CA ALA B 132 23.34 -8.60 14.30
C ALA B 132 22.76 -8.14 15.63
N ARG B 133 21.47 -7.83 15.65
CA ARG B 133 20.84 -7.36 16.90
C ARG B 133 20.73 -8.46 17.99
N LEU B 134 20.30 -9.64 17.59
CA LEU B 134 20.24 -10.78 18.49
C LEU B 134 21.62 -11.14 19.06
N ARG B 135 22.66 -11.12 18.22
CA ARG B 135 24.00 -11.45 18.69
C ARG B 135 24.51 -10.37 19.64
N ALA B 136 24.14 -9.11 19.38
CA ALA B 136 24.57 -8.03 20.26
C ALA B 136 23.90 -8.16 21.62
N ALA B 137 22.77 -8.87 21.66
CA ALA B 137 22.06 -9.11 22.91
C ALA B 137 22.63 -10.34 23.58
N GLY B 138 23.72 -10.88 23.01
CA GLY B 138 24.39 -12.02 23.61
C GLY B 138 24.00 -13.40 23.09
N ALA B 139 23.14 -13.51 22.08
CA ALA B 139 22.79 -14.85 21.57
C ALA B 139 23.85 -15.40 20.62
N ILE B 140 23.92 -16.72 20.48
CA ILE B 140 25.00 -17.34 19.73
C ILE B 140 24.41 -18.20 18.62
N VAL B 141 24.89 -18.00 17.40
CA VAL B 141 24.40 -18.79 16.27
C VAL B 141 25.12 -20.14 16.25
N LEU B 142 24.35 -21.22 16.12
CA LEU B 142 24.94 -22.56 16.06
C LEU B 142 25.16 -23.01 14.63
N GLY B 143 24.19 -22.71 13.75
CA GLY B 143 24.30 -23.07 12.34
C GLY B 143 23.08 -22.62 11.52
N LYS B 144 23.13 -22.93 10.22
CA LYS B 144 22.03 -22.62 9.32
C LYS B 144 21.13 -23.83 9.13
N THR B 145 19.85 -23.64 9.39
CA THR B 145 18.89 -24.73 9.22
C THR B 145 18.31 -24.82 7.80
N ASN B 146 17.95 -26.04 7.47
CA ASN B 146 17.32 -26.40 6.21
C ASN B 146 15.98 -25.69 6.06
N LEU B 147 15.51 -25.57 4.81
CA LEU B 147 14.25 -24.92 4.46
C LEU B 147 13.74 -25.46 3.12
N ASP B 148 12.45 -25.29 2.84
CA ASP B 148 11.98 -25.43 1.46
C ASP B 148 12.74 -24.42 0.58
N GLN B 149 13.18 -24.86 -0.59
CA GLN B 149 14.06 -24.01 -1.39
C GLN B 149 13.45 -22.65 -1.71
N PHE B 150 14.26 -21.60 -1.59
CA PHE B 150 13.78 -20.24 -1.82
C PHE B 150 12.48 -19.94 -1.05
N ALA B 151 12.37 -20.52 0.15
CA ALA B 151 11.22 -20.30 1.03
C ALA B 151 9.91 -20.47 0.29
N THR B 152 9.90 -21.41 -0.64
CA THR B 152 8.72 -21.63 -1.46
C THR B 152 8.10 -22.99 -1.15
N GLY B 153 7.17 -23.00 -0.20
CA GLY B 153 6.52 -24.23 0.23
C GLY B 153 6.12 -24.16 1.69
N LEU B 154 5.07 -24.86 2.05
CA LEU B 154 4.67 -24.97 3.45
C LEU B 154 4.92 -26.38 4.02
N VAL B 155 5.65 -27.21 3.28
CA VAL B 155 5.75 -28.64 3.62
C VAL B 155 7.07 -29.07 4.28
N GLY B 156 8.17 -28.47 3.86
CA GLY B 156 9.46 -28.90 4.36
C GLY B 156 10.14 -29.94 3.48
N THR B 157 9.43 -30.40 2.46
CA THR B 157 9.98 -31.48 1.64
C THR B 157 10.73 -30.97 0.40
N ARG B 158 10.63 -29.69 0.07
CA ARG B 158 11.24 -29.16 -1.15
C ARG B 158 12.68 -28.71 -0.93
N SER B 159 13.51 -29.63 -0.43
CA SER B 159 14.91 -29.33 -0.16
C SER B 159 15.82 -30.44 -0.68
N PRO B 160 16.92 -30.06 -1.33
CA PRO B 160 17.86 -31.04 -1.85
C PRO B 160 18.51 -31.79 -0.69
N PHE B 161 18.51 -31.18 0.49
CA PHE B 161 19.11 -31.78 1.69
C PHE B 161 18.22 -32.81 2.38
N GLY B 162 17.03 -33.05 1.84
CA GLY B 162 16.08 -33.94 2.49
C GLY B 162 15.04 -33.18 3.29
N ALA B 163 14.03 -33.92 3.74
CA ALA B 163 12.85 -33.35 4.40
C ALA B 163 12.95 -33.51 5.91
N PRO B 164 13.13 -32.40 6.65
CA PRO B 164 13.07 -32.55 8.11
C PRO B 164 11.71 -33.11 8.50
N ARG B 165 11.60 -33.83 9.62
CA ARG B 165 10.35 -34.51 9.95
C ARG B 165 9.67 -33.99 11.23
N CYS B 166 8.33 -34.10 11.25
CA CYS B 166 7.58 -33.86 12.47
C CYS B 166 8.26 -34.51 13.68
N VAL B 167 8.51 -33.74 14.75
CA VAL B 167 9.23 -34.28 15.91
C VAL B 167 8.42 -35.35 16.66
N PHE B 168 7.15 -35.50 16.32
CA PHE B 168 6.30 -36.51 16.95
C PHE B 168 6.15 -37.82 16.13
N ASP B 169 6.53 -37.79 14.86
CA ASP B 169 6.38 -38.96 14.00
C ASP B 169 7.16 -38.75 12.71
N GLN B 170 8.24 -39.50 12.56
CA GLN B 170 9.21 -39.27 11.49
C GLN B 170 8.61 -39.49 10.09
N ASP B 171 7.45 -40.13 10.01
CA ASP B 171 6.73 -40.27 8.76
C ASP B 171 6.06 -38.98 8.30
N TYR B 172 5.93 -38.00 9.20
CA TYR B 172 5.16 -36.77 8.90
C TYR B 172 6.03 -35.57 8.59
N ILE B 173 5.51 -34.70 7.74
CA ILE B 173 6.22 -33.48 7.37
C ILE B 173 6.50 -32.66 8.60
N SER B 174 7.65 -32.01 8.63
CA SER B 174 7.93 -31.02 9.65
C SER B 174 7.10 -29.75 9.35
N GLY B 175 6.62 -29.62 8.12
CA GLY B 175 6.13 -28.33 7.65
C GLY B 175 7.27 -27.41 7.27
N GLY B 176 6.94 -26.29 6.61
CA GLY B 176 7.93 -25.42 6.00
C GLY B 176 7.36 -24.04 5.72
N SER B 177 8.12 -23.18 5.06
CA SER B 177 9.43 -23.48 4.53
C SER B 177 10.51 -23.44 5.60
N SER B 178 10.19 -22.91 6.78
CA SER B 178 11.16 -22.83 7.89
C SER B 178 11.30 -24.18 8.64
N SER B 179 11.56 -25.24 7.89
CA SER B 179 11.44 -26.60 8.38
C SER B 179 12.46 -26.92 9.51
N GLY B 180 13.75 -26.77 9.21
CA GLY B 180 14.80 -27.01 10.19
C GLY B 180 14.73 -26.10 11.41
N SER B 181 14.37 -24.85 11.22
CA SER B 181 14.32 -23.94 12.35
C SER B 181 13.30 -24.43 13.41
N ALA B 182 12.17 -24.94 12.95
CA ALA B 182 11.11 -25.35 13.87
C ALA B 182 11.56 -26.64 14.56
N VAL B 183 12.11 -27.56 13.79
CA VAL B 183 12.51 -28.84 14.33
C VAL B 183 13.61 -28.64 15.39
N ALA B 184 14.60 -27.82 15.08
CA ALA B 184 15.71 -27.58 15.98
C ALA B 184 15.26 -27.11 17.37
N VAL B 185 14.25 -26.25 17.41
CA VAL B 185 13.77 -25.72 18.69
C VAL B 185 12.95 -26.76 19.43
N ALA B 186 12.06 -27.44 18.68
CA ALA B 186 11.14 -28.38 19.29
C ALA B 186 11.89 -29.61 19.86
N ALA B 187 13.08 -29.86 19.30
CA ALA B 187 13.88 -31.02 19.67
C ALA B 187 14.88 -30.63 20.75
N GLY B 188 14.79 -29.38 21.21
CA GLY B 188 15.64 -28.92 22.29
C GLY B 188 17.08 -28.67 21.92
N LEU B 189 17.35 -28.52 20.62
CA LEU B 189 18.73 -28.32 20.11
C LEU B 189 19.26 -26.94 20.36
N VAL B 190 18.34 -25.95 20.30
CA VAL B 190 18.59 -24.52 20.54
C VAL B 190 17.38 -23.92 21.26
N ALA B 191 17.55 -22.75 21.85
CA ALA B 191 16.46 -22.15 22.64
C ALA B 191 15.41 -21.42 21.78
N PHE B 192 15.81 -20.92 20.63
CA PHE B 192 14.88 -20.30 19.70
C PHE B 192 15.50 -20.32 18.32
N SER B 193 14.72 -20.00 17.31
CA SER B 193 15.26 -19.92 15.97
C SER B 193 14.59 -18.81 15.14
N LEU B 194 15.24 -18.40 14.07
CA LEU B 194 14.62 -17.48 13.13
C LEU B 194 14.22 -18.22 11.89
N GLY B 195 13.07 -17.84 11.37
CA GLY B 195 12.66 -18.26 10.04
C GLY B 195 12.16 -17.05 9.28
N THR B 196 11.48 -17.29 8.16
CA THR B 196 10.78 -16.24 7.45
C THR B 196 9.39 -16.76 7.18
N ASP B 197 8.45 -15.84 7.02
CA ASP B 197 7.06 -16.17 6.79
C ASP B 197 6.59 -15.25 5.66
N THR B 198 6.01 -15.87 4.64
CA THR B 198 5.48 -15.19 3.48
C THR B 198 4.11 -15.74 3.28
N ALA B 199 4.01 -16.99 2.86
CA ALA B 199 2.72 -17.66 2.84
C ALA B 199 2.22 -18.04 4.24
N GLY B 200 3.06 -18.65 5.07
CA GLY B 200 2.61 -19.04 6.39
C GLY B 200 3.64 -19.78 7.20
N SER B 201 4.90 -19.65 6.83
CA SER B 201 5.93 -20.51 7.43
C SER B 201 6.31 -20.16 8.84
N GLY B 202 5.89 -18.99 9.32
CA GLY B 202 6.07 -18.68 10.72
C GLY B 202 5.08 -19.48 11.57
N ARG B 203 4.10 -20.09 10.91
CA ARG B 203 2.98 -20.68 11.63
C ARG B 203 2.84 -22.19 11.41
N VAL B 204 2.88 -22.62 10.15
CA VAL B 204 2.67 -24.05 9.83
C VAL B 204 3.66 -24.99 10.54
N PRO B 205 4.98 -24.74 10.46
CA PRO B 205 5.90 -25.66 11.16
C PRO B 205 5.92 -25.48 12.67
N ALA B 206 5.43 -24.34 13.17
CA ALA B 206 5.21 -24.20 14.61
C ALA B 206 4.09 -25.16 15.04
N ALA B 207 2.99 -25.18 14.29
CA ALA B 207 1.89 -26.09 14.59
C ALA B 207 2.35 -27.57 14.56
N PHE B 208 3.05 -27.95 13.49
CA PHE B 208 3.45 -29.36 13.30
C PHE B 208 4.52 -29.82 14.28
N ASN B 209 5.12 -28.87 14.98
CA ASN B 209 6.14 -29.23 15.97
C ASN B 209 5.89 -28.70 17.37
N ASN B 210 4.65 -28.31 17.64
CA ASN B 210 4.21 -27.96 18.99
C ASN B 210 4.95 -26.72 19.55
N LEU B 211 5.14 -25.70 18.72
CA LEU B 211 5.86 -24.50 19.13
C LEU B 211 5.01 -23.24 19.05
N VAL B 212 5.49 -22.21 19.73
CA VAL B 212 4.98 -20.86 19.51
C VAL B 212 5.68 -20.27 18.27
N GLY B 213 4.89 -19.78 17.32
CA GLY B 213 5.41 -19.05 16.18
C GLY B 213 4.94 -17.60 16.22
N VAL B 214 5.87 -16.68 16.40
CA VAL B 214 5.53 -15.25 16.38
C VAL B 214 5.78 -14.65 14.99
N LYS B 215 4.71 -14.16 14.37
CA LYS B 215 4.79 -13.60 13.02
C LYS B 215 4.56 -12.09 13.08
N PRO B 216 5.64 -11.31 13.22
CA PRO B 216 5.44 -9.88 13.46
C PRO B 216 4.82 -9.20 12.25
N THR B 217 4.16 -8.08 12.53
CA THR B 217 3.66 -7.20 11.47
C THR B 217 4.76 -6.96 10.45
N LYS B 218 4.43 -6.98 9.16
CA LYS B 218 5.50 -6.83 8.17
C LYS B 218 6.18 -5.47 8.29
N GLY B 219 7.49 -5.43 8.07
CA GLY B 219 8.24 -4.19 8.22
C GLY B 219 8.86 -3.93 9.60
N LEU B 220 8.32 -4.53 10.66
CA LEU B 220 8.88 -4.34 11.99
C LEU B 220 10.30 -4.80 12.10
N LEU B 221 10.59 -6.00 11.59
CA LEU B 221 11.93 -6.58 11.67
C LEU B 221 12.57 -6.44 10.31
N SER B 222 13.82 -6.00 10.27
CA SER B 222 14.47 -5.79 8.97
C SER B 222 14.63 -7.07 8.16
N THR B 223 14.36 -6.99 6.86
CA THR B 223 14.70 -8.10 5.99
C THR B 223 15.98 -7.83 5.23
N SER B 224 16.77 -6.90 5.72
CA SER B 224 18.09 -6.66 5.13
C SER B 224 19.03 -7.81 5.50
N GLY B 225 19.68 -8.39 4.50
CA GLY B 225 20.46 -9.60 4.73
C GLY B 225 19.64 -10.88 4.67
N VAL B 226 18.41 -10.77 4.18
CA VAL B 226 17.54 -11.94 3.98
C VAL B 226 17.27 -12.10 2.49
N VAL B 227 17.40 -13.32 1.96
CA VAL B 227 17.09 -13.56 0.56
C VAL B 227 15.59 -13.31 0.35
N PRO B 228 15.23 -12.48 -0.65
CA PRO B 228 13.81 -12.25 -0.95
C PRO B 228 13.06 -13.48 -1.49
N ALA B 229 11.80 -13.63 -1.12
CA ALA B 229 10.88 -14.60 -1.70
C ALA B 229 9.80 -13.77 -2.36
N CYS B 230 8.83 -13.30 -1.57
CA CYS B 230 7.98 -12.18 -2.04
C CYS B 230 8.39 -10.96 -1.26
N ARG B 231 9.38 -10.24 -1.79
CA ARG B 231 10.02 -9.11 -1.09
C ARG B 231 9.04 -8.21 -0.34
N SER B 232 7.91 -7.91 -0.97
CA SER B 232 6.96 -6.94 -0.42
C SER B 232 6.15 -7.51 0.74
N LEU B 233 6.21 -8.83 0.89
CA LEU B 233 5.41 -9.58 1.86
C LEU B 233 6.22 -10.27 2.96
N ASP B 234 7.48 -10.63 2.65
CA ASP B 234 8.35 -11.40 3.54
C ASP B 234 8.49 -10.81 4.95
N CYS B 235 8.36 -11.68 5.96
CA CYS B 235 8.62 -11.30 7.34
C CYS B 235 9.65 -12.22 7.97
N VAL B 236 10.54 -11.66 8.77
CA VAL B 236 11.35 -12.50 9.66
C VAL B 236 10.42 -12.97 10.77
N THR B 237 10.59 -14.21 11.21
CA THR B 237 9.63 -14.83 12.09
C THR B 237 10.38 -15.59 13.19
N VAL B 238 9.74 -15.76 14.34
CA VAL B 238 10.40 -16.36 15.50
C VAL B 238 9.72 -17.66 15.97
N PHE B 239 10.54 -18.69 16.18
CA PHE B 239 10.13 -19.92 16.82
C PHE B 239 10.68 -19.99 18.27
N ALA B 240 9.77 -20.18 19.23
CA ALA B 240 10.11 -20.12 20.65
C ALA B 240 9.31 -21.11 21.50
N ALA B 241 9.71 -21.24 22.76
CA ALA B 241 9.09 -22.21 23.67
C ALA B 241 7.83 -21.60 24.29
N SER B 242 7.76 -20.26 24.34
CA SER B 242 6.59 -19.55 24.86
C SER B 242 6.37 -18.22 24.15
N VAL B 243 5.13 -17.73 24.23
CA VAL B 243 4.82 -16.40 23.72
C VAL B 243 5.72 -15.31 24.33
N ALA B 244 5.96 -15.35 25.63
CA ALA B 244 6.82 -14.36 26.25
C ALA B 244 8.25 -14.42 25.69
N GLU B 245 8.79 -15.60 25.49
CA GLU B 245 10.16 -15.68 25.02
C GLU B 245 10.21 -15.24 23.56
N GLY B 246 9.26 -15.71 22.77
CA GLY B 246 9.18 -15.33 21.37
C GLY B 246 9.03 -13.83 21.25
N THR B 247 8.26 -13.25 22.15
CA THR B 247 8.00 -11.82 22.15
C THR B 247 9.24 -11.00 22.48
N LEU B 248 9.99 -11.41 23.50
CA LEU B 248 11.26 -10.76 23.81
C LEU B 248 12.24 -10.84 22.64
N ILE B 249 12.36 -12.02 22.02
CA ILE B 249 13.20 -12.16 20.84
C ILE B 249 12.73 -11.21 19.75
N ARG B 250 11.42 -11.17 19.49
CA ARG B 250 10.91 -10.27 18.45
C ARG B 250 11.28 -8.79 18.70
N ARG B 251 11.12 -8.35 19.94
CA ARG B 251 11.34 -6.95 20.31
C ARG B 251 12.80 -6.58 20.14
N ILE B 252 13.69 -7.53 20.44
CA ILE B 252 15.12 -7.29 20.30
C ILE B 252 15.51 -7.14 18.83
N ALA B 253 14.91 -7.97 17.99
CA ALA B 253 15.27 -8.00 16.57
C ALA B 253 14.63 -6.84 15.83
N GLU B 254 13.52 -6.35 16.38
CA GLU B 254 12.72 -5.28 15.81
C GLU B 254 13.48 -3.96 15.75
N GLY B 255 13.22 -3.18 14.70
CA GLY B 255 13.88 -1.89 14.54
C GLY B 255 13.93 -1.43 13.10
N TYR B 256 13.71 -0.13 12.91
CA TYR B 256 13.76 0.47 11.58
C TYR B 256 15.13 0.31 10.94
N ASP B 257 15.13 -0.01 9.66
CA ASP B 257 16.38 -0.24 8.94
C ASP B 257 16.15 0.30 7.54
N ALA B 258 16.75 1.45 7.26
CA ALA B 258 16.56 2.11 5.98
C ALA B 258 17.19 1.35 4.81
N ALA B 259 18.10 0.43 5.10
CA ALA B 259 18.63 -0.41 4.03
C ALA B 259 17.51 -1.27 3.41
N ASP B 260 16.45 -1.54 4.17
CA ASP B 260 15.35 -2.37 3.71
C ASP B 260 14.20 -1.47 3.22
N PRO B 261 13.91 -1.48 1.91
CA PRO B 261 12.82 -0.63 1.40
C PRO B 261 11.48 -0.88 2.06
N TYR B 262 11.26 -2.04 2.69
CA TYR B 262 9.95 -2.37 3.26
C TYR B 262 9.89 -2.21 4.77
N SER B 263 10.99 -1.74 5.35
CA SER B 263 11.08 -1.52 6.79
C SER B 263 10.07 -0.44 7.17
N ARG B 264 9.35 -0.68 8.26
CA ARG B 264 8.44 0.30 8.83
C ARG B 264 8.79 0.55 10.30
N PRO B 265 8.70 1.81 10.74
CA PRO B 265 8.94 2.10 12.16
C PRO B 265 7.80 1.49 12.99
N SER B 266 8.08 1.06 14.21
CA SER B 266 7.02 0.48 15.02
C SER B 266 5.89 1.45 15.33
N GLN B 267 4.67 0.93 15.28
CA GLN B 267 3.54 1.55 15.95
C GLN B 267 2.96 0.45 16.86
N LYS B 268 2.20 0.83 17.90
CA LYS B 268 1.47 -0.16 18.69
C LYS B 268 0.01 0.16 18.58
N ARG B 269 -0.76 -0.81 18.11
CA ARG B 269 -2.20 -0.71 18.13
C ARG B 269 -2.69 -1.65 19.23
N ARG B 270 -3.49 -1.13 20.14
CA ARG B 270 -3.90 -1.89 21.32
C ARG B 270 -5.17 -2.66 20.98
N LEU B 271 -5.30 -3.87 21.54
CA LEU B 271 -6.53 -4.63 21.47
C LEU B 271 -7.11 -4.72 22.88
N PRO B 272 -8.43 -4.79 23.00
CA PRO B 272 -9.07 -4.91 24.32
C PRO B 272 -8.73 -6.25 24.98
N HIS B 273 -8.80 -6.30 26.30
CA HIS B 273 -8.70 -7.59 26.98
C HIS B 273 -10.06 -7.95 27.60
N VAL B 274 -10.54 -7.09 28.50
CA VAL B 274 -11.92 -7.19 28.92
C VAL B 274 -12.81 -6.92 27.70
N GLY B 275 -13.69 -7.86 27.38
CA GLY B 275 -14.66 -7.64 26.31
C GLY B 275 -14.20 -8.11 24.94
N LEU B 276 -13.13 -8.90 24.93
CA LEU B 276 -12.47 -9.31 23.69
C LEU B 276 -13.42 -10.10 22.80
N ARG B 277 -13.46 -9.75 21.52
CA ARG B 277 -14.27 -10.51 20.58
C ARG B 277 -13.32 -11.32 19.70
N VAL B 278 -13.53 -12.63 19.64
CA VAL B 278 -12.68 -13.51 18.85
C VAL B 278 -13.45 -14.02 17.65
N GLY B 279 -13.09 -13.56 16.44
CA GLY B 279 -13.74 -14.04 15.24
C GLY B 279 -13.38 -15.49 14.91
N VAL B 280 -14.36 -16.28 14.48
CA VAL B 280 -14.11 -17.60 13.92
C VAL B 280 -14.93 -17.74 12.63
N PRO B 281 -14.40 -18.50 11.64
CA PRO B 281 -15.19 -18.73 10.43
C PRO B 281 -16.51 -19.44 10.72
N ARG B 282 -17.48 -19.25 9.82
CA ARG B 282 -18.74 -19.95 9.90
CA ARG B 282 -18.75 -19.95 9.85
C ARG B 282 -18.50 -21.45 9.85
N GLN B 283 -19.43 -22.22 10.40
CA GLN B 283 -19.31 -23.67 10.39
C GLN B 283 -18.94 -24.19 9.00
N ASP B 284 -19.68 -23.75 8.00
CA ASP B 284 -19.49 -24.20 6.62
C ASP B 284 -18.19 -23.67 6.01
N GLN B 285 -17.43 -22.92 6.78
CA GLN B 285 -16.17 -22.39 6.28
C GLN B 285 -14.98 -23.06 6.97
N ARG B 286 -15.28 -24.03 7.82
CA ARG B 286 -14.25 -24.74 8.57
C ARG B 286 -13.76 -25.98 7.78
N GLU B 287 -12.79 -25.73 6.90
CA GLU B 287 -12.27 -26.73 5.96
C GLU B 287 -11.10 -27.50 6.58
N PHE B 288 -11.14 -28.82 6.47
CA PHE B 288 -10.07 -29.66 6.99
C PHE B 288 -9.60 -30.72 6.00
N TYR B 289 -10.12 -30.64 4.78
CA TYR B 289 -9.73 -31.56 3.71
C TYR B 289 -9.76 -33.01 4.18
N GLY B 290 -10.84 -33.39 4.86
CA GLY B 290 -11.01 -34.76 5.30
C GLY B 290 -10.43 -35.10 6.68
N ASN B 291 -9.66 -34.20 7.27
CA ASN B 291 -9.02 -34.54 8.53
C ASN B 291 -9.98 -34.27 9.68
N THR B 292 -10.67 -35.32 10.11
CA THR B 292 -11.75 -35.17 11.09
C THR B 292 -11.20 -35.00 12.50
N ALA B 293 -10.04 -35.57 12.75
CA ALA B 293 -9.38 -35.37 14.02
C ALA B 293 -9.03 -33.87 14.17
N TYR B 294 -8.50 -33.28 13.11
CA TYR B 294 -8.20 -31.86 13.16
C TYR B 294 -9.48 -31.02 13.37
N ALA B 295 -10.53 -31.33 12.60
CA ALA B 295 -11.82 -30.65 12.77
C ALA B 295 -12.30 -30.74 14.22
N ALA B 296 -12.14 -31.91 14.82
CA ALA B 296 -12.60 -32.15 16.18
C ALA B 296 -11.80 -31.32 17.17
N LEU B 297 -10.49 -31.26 16.99
CA LEU B 297 -9.64 -30.47 17.86
C LEU B 297 -9.88 -28.95 17.72
N TYR B 298 -10.19 -28.50 16.51
CA TYR B 298 -10.52 -27.09 16.36
C TYR B 298 -11.76 -26.77 17.19
N GLN B 299 -12.81 -27.58 17.03
CA GLN B 299 -14.04 -27.41 17.80
C GLN B 299 -13.72 -27.45 19.29
N ARG B 300 -12.83 -28.38 19.67
CA ARG B 300 -12.48 -28.54 21.08
C ARG B 300 -11.86 -27.27 21.65
N ALA B 301 -10.96 -26.66 20.88
CA ALA B 301 -10.41 -25.37 21.27
C ALA B 301 -11.52 -24.36 21.57
N LEU B 302 -12.52 -24.32 20.69
CA LEU B 302 -13.66 -23.42 20.87
C LEU B 302 -14.39 -23.82 22.15
N ASP B 303 -14.56 -25.13 22.38
CA ASP B 303 -15.23 -25.57 23.60
C ASP B 303 -14.52 -25.11 24.87
N GLU B 304 -13.19 -25.10 24.86
CA GLU B 304 -12.43 -24.77 26.06
C GLU B 304 -12.47 -23.27 26.29
N MET B 305 -12.66 -22.54 25.20
CA MET B 305 -12.57 -21.09 25.29
C MET B 305 -13.67 -20.37 26.04
N ILE B 306 -14.78 -21.05 26.32
CA ILE B 306 -15.83 -20.39 27.10
C ILE B 306 -15.33 -20.04 28.49
N SER B 307 -14.24 -20.66 28.94
CA SER B 307 -13.68 -20.33 30.26
C SER B 307 -12.58 -19.27 30.22
N LEU B 308 -12.34 -18.73 29.03
CA LEU B 308 -11.56 -17.50 28.89
C LEU B 308 -12.52 -16.32 28.79
N ASP B 309 -12.00 -15.15 29.14
CA ASP B 309 -12.78 -13.91 29.15
C ASP B 309 -12.90 -13.33 27.72
N ALA B 310 -13.57 -14.06 26.85
CA ALA B 310 -13.61 -13.71 25.44
C ALA B 310 -14.95 -14.12 24.88
N GLU B 311 -15.42 -13.40 23.86
CA GLU B 311 -16.65 -13.80 23.20
C GLU B 311 -16.34 -14.29 21.81
N LEU B 312 -16.83 -15.48 21.47
CA LEU B 312 -16.68 -15.98 20.12
C LEU B 312 -17.73 -15.36 19.19
N VAL B 313 -17.29 -14.89 18.04
CA VAL B 313 -18.16 -14.33 17.02
C VAL B 313 -17.90 -15.02 15.69
N GLU B 314 -18.92 -15.65 15.12
CA GLU B 314 -18.85 -16.20 13.77
C GLU B 314 -18.74 -15.06 12.77
N ILE B 315 -17.72 -15.10 11.91
CA ILE B 315 -17.57 -14.07 10.88
C ILE B 315 -17.55 -14.73 9.51
N ASP B 316 -17.70 -13.94 8.46
CA ASP B 316 -17.62 -14.47 7.10
C ASP B 316 -16.13 -14.52 6.71
N PHE B 317 -15.59 -15.72 6.58
CA PHE B 317 -14.17 -15.92 6.34
C PHE B 317 -13.79 -15.78 4.85
N ALA B 318 -14.81 -15.71 3.99
CA ALA B 318 -14.65 -15.69 2.52
C ALA B 318 -13.64 -14.68 1.96
N PRO B 319 -13.68 -13.43 2.43
CA PRO B 319 -12.72 -12.48 1.85
C PRO B 319 -11.30 -12.79 2.26
N PHE B 320 -11.11 -13.35 3.43
CA PHE B 320 -9.77 -13.76 3.85
C PHE B 320 -9.33 -14.97 3.05
N ARG B 321 -10.23 -15.93 2.90
CA ARG B 321 -9.99 -17.11 2.07
C ARG B 321 -9.61 -16.73 0.62
N ASP B 322 -10.35 -15.81 0.01
CA ASP B 322 -10.09 -15.44 -1.39
C ASP B 322 -8.85 -14.56 -1.54
N ALA B 323 -8.56 -13.75 -0.54
CA ALA B 323 -7.31 -13.01 -0.55
C ALA B 323 -6.15 -14.00 -0.51
N ALA B 324 -6.29 -15.03 0.33
CA ALA B 324 -5.25 -16.05 0.45
C ALA B 324 -4.88 -16.64 -0.91
N LYS B 325 -5.87 -16.86 -1.76
CA LYS B 325 -5.64 -17.54 -3.02
C LYS B 325 -4.80 -16.73 -4.01
N LEU B 326 -4.77 -15.42 -3.80
CA LEU B 326 -4.05 -14.52 -4.69
C LEU B 326 -2.56 -14.71 -4.58
N LEU B 327 -2.09 -15.27 -3.46
CA LEU B 327 -0.65 -15.34 -3.25
C LEU B 327 0.05 -16.21 -4.29
N TYR B 328 -0.47 -17.41 -4.48
CA TYR B 328 0.08 -18.33 -5.48
C TYR B 328 -0.86 -18.47 -6.66
N GLY B 329 -2.15 -18.23 -6.44
CA GLY B 329 -3.14 -18.32 -7.50
C GLY B 329 -3.25 -17.01 -8.27
N GLY B 330 -2.61 -15.97 -7.75
CA GLY B 330 -2.63 -14.65 -8.38
C GLY B 330 -1.20 -14.27 -8.71
N PRO B 331 -0.94 -12.99 -8.96
CA PRO B 331 0.35 -12.60 -9.54
C PRO B 331 1.50 -12.45 -8.54
N TRP B 332 1.23 -12.54 -7.24
CA TRP B 332 2.32 -12.36 -6.27
C TRP B 332 3.46 -13.39 -6.44
N VAL B 333 3.16 -14.54 -7.02
CA VAL B 333 4.21 -15.54 -7.27
C VAL B 333 5.32 -14.95 -8.14
N ALA B 334 4.98 -13.92 -8.92
CA ALA B 334 5.96 -13.26 -9.77
C ALA B 334 7.05 -12.58 -8.94
N GLU B 335 6.72 -12.25 -7.70
CA GLU B 335 7.75 -11.66 -6.83
C GLU B 335 8.93 -12.62 -6.65
N ARG B 336 8.62 -13.93 -6.67
CA ARG B 336 9.63 -14.95 -6.42
C ARG B 336 10.47 -15.06 -7.66
N LEU B 337 9.83 -14.88 -8.80
CA LEU B 337 10.53 -14.94 -10.07
C LEU B 337 11.51 -13.78 -10.13
N GLU B 338 11.11 -12.63 -9.60
CA GLU B 338 12.01 -11.49 -9.56
C GLU B 338 13.24 -11.84 -8.72
N ALA B 339 12.99 -12.49 -7.59
CA ALA B 339 14.07 -12.79 -6.63
C ALA B 339 15.15 -13.76 -7.15
N VAL B 340 14.76 -14.75 -7.94
CA VAL B 340 15.72 -15.79 -8.32
C VAL B 340 15.83 -15.93 -9.84
N GLY B 341 15.27 -14.96 -10.56
CA GLY B 341 15.20 -15.00 -12.01
C GLY B 341 16.54 -15.14 -12.72
N ASP B 342 17.57 -14.49 -12.20
CA ASP B 342 18.89 -14.64 -12.79
C ASP B 342 19.38 -16.08 -12.69
N HIS B 343 19.29 -16.66 -11.50
CA HIS B 343 19.75 -18.04 -11.33
C HIS B 343 18.89 -18.99 -12.16
N LEU B 344 17.61 -18.66 -12.27
CA LEU B 344 16.68 -19.53 -12.97
C LEU B 344 16.94 -19.58 -14.47
N SER B 345 17.29 -18.43 -15.05
CA SER B 345 17.49 -18.40 -16.50
C SER B 345 18.86 -18.99 -16.81
N ARG B 346 19.83 -18.68 -15.97
CA ARG B 346 21.17 -19.26 -16.00
C ARG B 346 21.17 -20.81 -15.97
N ALA B 347 20.35 -21.41 -15.09
CA ALA B 347 20.31 -22.89 -14.99
C ALA B 347 19.11 -23.39 -14.22
N PRO B 348 17.99 -23.54 -14.92
CA PRO B 348 16.80 -23.96 -14.19
C PRO B 348 16.97 -25.34 -13.51
N ASP B 349 17.86 -26.18 -14.01
CA ASP B 349 18.03 -27.50 -13.38
C ASP B 349 18.68 -27.40 -11.99
N SER B 350 19.27 -26.26 -11.68
CA SER B 350 19.78 -26.06 -10.34
C SER B 350 18.66 -25.96 -9.27
N PHE B 351 17.41 -25.94 -9.71
CA PHE B 351 16.28 -25.69 -8.81
C PHE B 351 15.55 -26.97 -8.41
N ASP B 352 15.07 -27.00 -7.18
CA ASP B 352 14.11 -28.03 -6.81
C ASP B 352 13.01 -28.02 -7.88
N PRO B 353 12.62 -29.20 -8.35
CA PRO B 353 11.72 -29.33 -9.49
C PRO B 353 10.33 -28.73 -9.27
N VAL B 354 9.82 -28.78 -8.04
CA VAL B 354 8.47 -28.24 -7.77
C VAL B 354 8.54 -26.72 -7.72
N VAL B 355 9.54 -26.19 -7.03
CA VAL B 355 9.74 -24.76 -6.95
C VAL B 355 10.04 -24.18 -8.35
N ARG B 356 10.95 -24.82 -9.07
CA ARG B 356 11.23 -24.46 -10.45
C ARG B 356 9.95 -24.32 -11.26
N SER B 357 9.07 -25.30 -11.14
CA SER B 357 7.86 -25.27 -11.94
C SER B 357 6.95 -24.11 -11.54
N ILE B 358 6.86 -23.84 -10.25
CA ILE B 358 6.02 -22.74 -9.77
C ILE B 358 6.52 -21.39 -10.27
N VAL B 359 7.82 -21.16 -10.14
CA VAL B 359 8.40 -19.90 -10.54
C VAL B 359 8.49 -19.75 -12.06
N GLU B 360 8.67 -20.85 -12.79
CA GLU B 360 8.68 -20.79 -14.26
C GLU B 360 7.32 -20.37 -14.78
N THR B 361 6.27 -20.87 -14.17
CA THR B 361 4.93 -20.50 -14.60
C THR B 361 4.65 -19.01 -14.41
N ALA B 362 5.23 -18.40 -13.38
CA ALA B 362 5.04 -16.98 -13.12
C ALA B 362 5.48 -16.13 -14.31
N LYS B 363 6.33 -16.69 -15.18
CA LYS B 363 6.91 -15.92 -16.28
C LYS B 363 5.85 -15.40 -17.26
N THR B 364 4.67 -16.01 -17.25
CA THR B 364 3.65 -15.62 -18.20
C THR B 364 2.73 -14.51 -17.66
N LEU B 365 2.96 -14.06 -16.43
CA LEU B 365 2.15 -13.00 -15.86
C LEU B 365 2.63 -11.66 -16.39
N SER B 366 1.68 -10.83 -16.83
CA SER B 366 1.98 -9.46 -17.27
C SER B 366 1.82 -8.45 -16.12
N ALA B 367 2.28 -7.21 -16.36
CA ALA B 367 2.02 -6.11 -15.43
C ALA B 367 0.51 -5.89 -15.26
N VAL B 368 -0.23 -6.11 -16.35
CA VAL B 368 -1.67 -6.07 -16.29
C VAL B 368 -2.22 -7.10 -15.28
N ASP B 369 -1.75 -8.35 -15.37
CA ASP B 369 -2.12 -9.36 -14.39
C ASP B 369 -1.82 -8.88 -12.96
N ALA B 370 -0.61 -8.35 -12.75
CA ALA B 370 -0.23 -7.83 -11.44
C ALA B 370 -1.18 -6.74 -10.92
N PHE B 371 -1.53 -5.79 -11.77
CA PHE B 371 -2.46 -4.74 -11.31
C PHE B 371 -3.86 -5.30 -11.04
N ARG B 372 -4.33 -6.22 -11.88
CA ARG B 372 -5.62 -6.87 -11.64
C ARG B 372 -5.65 -7.56 -10.27
N GLY B 373 -4.54 -8.20 -9.91
CA GLY B 373 -4.44 -8.86 -8.62
C GLY B 373 -4.55 -7.83 -7.52
N GLN B 374 -3.87 -6.70 -7.71
CA GLN B 374 -3.97 -5.59 -6.77
C GLN B 374 -5.39 -5.06 -6.63
N TYR B 375 -6.13 -5.00 -7.74
CA TYR B 375 -7.48 -4.48 -7.70
C TYR B 375 -8.35 -5.43 -6.88
N GLU B 376 -8.23 -6.72 -7.19
CA GLU B 376 -8.95 -7.76 -6.47
C GLU B 376 -8.62 -7.72 -4.97
N LEU B 377 -7.33 -7.58 -4.64
CA LEU B 377 -6.93 -7.44 -3.24
C LEU B 377 -7.58 -6.24 -2.55
N ALA B 378 -7.54 -5.08 -3.22
CA ALA B 378 -8.16 -3.86 -2.67
C ALA B 378 -9.64 -4.09 -2.36
N ALA B 379 -10.37 -4.67 -3.30
CA ALA B 379 -11.78 -4.97 -3.06
C ALA B 379 -11.92 -5.94 -1.89
N LEU B 380 -11.15 -7.03 -1.92
CA LEU B 380 -11.20 -8.01 -0.81
C LEU B 380 -10.85 -7.35 0.52
N THR B 381 -9.95 -6.38 0.50
CA THR B 381 -9.61 -5.68 1.72
C THR B 381 -10.83 -4.93 2.25
N GLN B 382 -11.62 -4.33 1.35
CA GLN B 382 -12.83 -3.65 1.79
C GLN B 382 -13.71 -4.66 2.55
N GLN B 383 -13.95 -5.82 1.94
CA GLN B 383 -14.83 -6.80 2.54
C GLN B 383 -14.28 -7.33 3.88
N ALA B 384 -12.98 -7.52 3.95
CA ALA B 384 -12.35 -7.99 5.18
C ALA B 384 -12.52 -6.94 6.29
N ASN B 385 -12.36 -5.67 5.94
CA ASN B 385 -12.54 -4.60 6.90
C ASN B 385 -13.94 -4.65 7.51
N ALA B 386 -14.93 -5.03 6.72
CA ALA B 386 -16.28 -5.13 7.25
C ALA B 386 -16.34 -6.24 8.29
N GLN B 387 -15.57 -7.30 8.06
CA GLN B 387 -15.52 -8.38 9.04
C GLN B 387 -14.73 -7.98 10.28
N TRP B 388 -13.66 -7.22 10.10
CA TRP B 388 -12.87 -6.71 11.23
C TRP B 388 -13.65 -5.82 12.17
N ALA B 389 -14.71 -5.19 11.66
CA ALA B 389 -15.58 -4.37 12.48
C ALA B 389 -16.32 -5.21 13.51
N ARG B 390 -16.29 -6.53 13.33
CA ARG B 390 -17.08 -7.45 14.15
C ARG B 390 -16.27 -8.17 15.22
N MET B 391 -14.94 -8.06 15.15
CA MET B 391 -14.06 -8.86 15.99
C MET B 391 -12.84 -8.05 16.30
N ASP B 392 -12.14 -8.42 17.35
CA ASP B 392 -10.83 -7.81 17.62
C ASP B 392 -9.68 -8.63 17.04
N ILE B 393 -9.86 -9.94 17.00
CA ILE B 393 -8.82 -10.86 16.57
C ILE B 393 -9.50 -12.09 15.93
N LEU B 394 -8.78 -12.76 15.04
CA LEU B 394 -9.34 -13.90 14.35
C LEU B 394 -8.63 -15.18 14.79
N LEU B 395 -9.39 -16.24 15.06
CA LEU B 395 -8.82 -17.50 15.53
C LEU B 395 -9.02 -18.64 14.53
N LEU B 396 -7.93 -19.19 14.00
CA LEU B 396 -8.00 -20.16 12.91
C LEU B 396 -7.22 -21.44 13.21
N PRO B 397 -7.63 -22.57 12.62
CA PRO B 397 -6.66 -23.67 12.56
C PRO B 397 -5.38 -23.15 11.91
N THR B 398 -4.24 -23.53 12.45
CA THR B 398 -3.04 -23.09 11.80
C THR B 398 -3.04 -23.71 10.40
N ALA B 399 -3.33 -25.00 10.32
CA ALA B 399 -3.43 -25.66 9.01
C ALA B 399 -4.59 -26.62 9.09
N PRO B 400 -5.16 -26.97 7.93
CA PRO B 400 -6.36 -27.81 7.92
C PRO B 400 -6.02 -29.27 8.15
N THR B 401 -4.78 -29.66 7.87
CA THR B 401 -4.39 -31.05 8.04
C THR B 401 -2.89 -31.13 8.11
N ILE B 402 -2.38 -32.35 8.24
CA ILE B 402 -0.94 -32.59 8.24
C ILE B 402 -0.70 -33.84 7.40
N HIS B 403 0.44 -33.94 6.73
CA HIS B 403 0.63 -34.98 5.73
C HIS B 403 1.87 -35.79 5.99
N LYS B 404 1.82 -37.06 5.61
CA LYS B 404 3.03 -37.87 5.55
C LYS B 404 3.94 -37.38 4.42
N VAL B 405 5.24 -37.45 4.67
CA VAL B 405 6.20 -37.04 3.66
C VAL B 405 5.90 -37.74 2.34
N GLU B 406 5.60 -39.04 2.41
CA GLU B 406 5.39 -39.85 1.20
C GLU B 406 4.18 -39.40 0.44
N ALA B 407 3.12 -39.04 1.16
CA ALA B 407 1.93 -38.50 0.50
C ALA B 407 2.28 -37.21 -0.27
N VAL B 408 3.07 -36.34 0.34
CA VAL B 408 3.42 -35.09 -0.32
C VAL B 408 4.31 -35.33 -1.54
N MET B 409 5.32 -36.20 -1.43
CA MET B 409 6.18 -36.45 -2.58
C MET B 409 5.39 -36.95 -3.78
N ALA B 410 4.30 -37.66 -3.53
CA ALA B 410 3.45 -38.13 -4.62
C ALA B 410 2.55 -37.03 -5.18
N ASP B 411 2.29 -35.99 -4.39
CA ASP B 411 1.27 -35.02 -4.77
C ASP B 411 1.69 -33.62 -4.28
N PRO B 412 2.86 -33.19 -4.74
CA PRO B 412 3.66 -32.15 -4.10
C PRO B 412 3.12 -30.74 -4.25
N VAL B 413 2.29 -30.49 -5.25
CA VAL B 413 1.75 -29.15 -5.42
C VAL B 413 0.45 -29.02 -4.65
N ARG B 414 -0.49 -29.92 -4.97
CA ARG B 414 -1.83 -29.91 -4.37
C ARG B 414 -1.81 -30.01 -2.83
N LEU B 415 -1.02 -30.93 -2.29
CA LEU B 415 -1.06 -31.14 -0.86
C LEU B 415 -0.41 -29.96 -0.14
N ASN B 416 0.56 -29.34 -0.79
CA ASN B 416 1.15 -28.13 -0.24
C ASN B 416 0.13 -27.00 -0.16
N SER B 417 -0.63 -26.83 -1.24
CA SER B 417 -1.57 -25.72 -1.33
C SER B 417 -2.63 -25.79 -0.26
N GLN B 418 -3.07 -27.01 0.05
CA GLN B 418 -3.97 -27.23 1.18
C GLN B 418 -3.45 -26.56 2.45
N LEU B 419 -2.16 -26.65 2.70
CA LEU B 419 -1.60 -26.13 3.95
C LEU B 419 -1.67 -24.62 4.05
N GLY B 420 -1.89 -23.94 2.92
CA GLY B 420 -1.96 -22.49 2.92
C GLY B 420 -3.35 -21.94 3.06
N HIS B 421 -4.33 -22.82 3.28
CA HIS B 421 -5.74 -22.45 3.26
C HIS B 421 -6.06 -21.29 4.21
N TYR B 422 -5.45 -21.29 5.38
CA TYR B 422 -5.76 -20.29 6.39
C TYR B 422 -4.63 -19.29 6.58
N THR B 423 -3.48 -19.53 5.97
CA THR B 423 -2.32 -18.70 6.25
C THR B 423 -2.11 -17.60 5.20
N ASN B 424 -2.41 -17.92 3.95
CA ASN B 424 -1.88 -17.17 2.82
C ASN B 424 -2.36 -15.73 2.63
N PHE B 425 -3.41 -15.31 3.32
CA PHE B 425 -3.91 -13.92 3.21
C PHE B 425 -3.18 -12.96 4.16
N VAL B 426 -2.48 -13.51 5.14
CA VAL B 426 -2.06 -12.67 6.29
C VAL B 426 -1.12 -11.50 5.94
N ASN B 427 -0.08 -11.77 5.17
CA ASN B 427 0.79 -10.67 4.78
C ASN B 427 0.18 -9.78 3.69
N LEU B 428 -0.57 -10.38 2.76
CA LEU B 428 -1.32 -9.59 1.79
C LEU B 428 -2.27 -8.58 2.44
N LEU B 429 -2.90 -8.96 3.55
CA LEU B 429 -3.84 -8.06 4.22
C LEU B 429 -3.20 -7.32 5.38
N ASP B 430 -1.86 -7.32 5.43
CA ASP B 430 -1.11 -6.54 6.42
C ASP B 430 -1.60 -6.85 7.84
N CYS B 431 -1.43 -8.11 8.24
CA CYS B 431 -1.86 -8.57 9.55
C CYS B 431 -0.67 -9.09 10.35
N ALA B 432 -0.83 -9.12 11.67
CA ALA B 432 0.11 -9.80 12.55
C ALA B 432 -0.51 -11.16 12.93
N ALA B 433 0.32 -12.09 13.39
CA ALA B 433 -0.14 -13.42 13.73
C ALA B 433 0.71 -14.12 14.78
N ILE B 434 0.10 -15.01 15.55
CA ILE B 434 0.87 -15.86 16.47
C ILE B 434 0.28 -17.25 16.42
N ALA B 435 1.12 -18.26 16.21
CA ALA B 435 0.68 -19.63 16.19
C ALA B 435 1.02 -20.23 17.58
N VAL B 436 0.04 -20.86 18.22
CA VAL B 436 0.27 -21.52 19.50
C VAL B 436 -0.29 -22.93 19.49
N PRO B 437 0.32 -23.81 20.30
CA PRO B 437 -0.19 -25.18 20.48
C PRO B 437 -1.65 -25.16 20.90
N ALA B 438 -2.44 -26.07 20.36
CA ALA B 438 -3.84 -26.17 20.76
C ALA B 438 -4.21 -27.60 21.17
N GLY B 439 -3.24 -28.52 21.10
CA GLY B 439 -3.48 -29.86 21.57
C GLY B 439 -2.92 -30.94 20.67
N PHE B 440 -3.39 -32.17 20.87
CA PHE B 440 -2.96 -33.34 20.12
C PHE B 440 -4.14 -34.25 19.77
N ILE B 441 -4.14 -34.77 18.56
CA ILE B 441 -5.12 -35.78 18.20
C ILE B 441 -4.67 -37.13 18.72
N GLU B 442 -5.54 -38.12 18.69
CA GLU B 442 -5.27 -39.38 19.38
C GLU B 442 -4.07 -40.16 18.82
N THR B 443 -3.76 -40.03 17.53
CA THR B 443 -2.60 -40.72 16.95
C THR B 443 -1.25 -40.12 17.40
N GLY B 444 -1.33 -39.08 18.22
CA GLY B 444 -0.12 -38.45 18.76
C GLY B 444 0.43 -37.28 17.95
N LEU B 445 -0.31 -36.78 16.96
CA LEU B 445 0.18 -35.60 16.19
C LEU B 445 -0.36 -34.28 16.78
N PRO B 446 0.47 -33.23 16.74
CA PRO B 446 -0.02 -31.94 17.27
C PRO B 446 -1.04 -31.26 16.36
N PHE B 447 -1.85 -30.40 16.96
CA PHE B 447 -2.75 -29.54 16.22
C PHE B 447 -2.59 -28.13 16.77
N GLY B 448 -2.30 -27.17 15.91
CA GLY B 448 -2.06 -25.81 16.36
C GLY B 448 -3.13 -24.89 15.86
N VAL B 449 -3.27 -23.73 16.50
CA VAL B 449 -4.14 -22.70 15.98
C VAL B 449 -3.33 -21.44 15.84
N THR B 450 -3.88 -20.50 15.08
CA THR B 450 -3.21 -19.23 14.84
C THR B 450 -4.15 -18.10 15.15
N LEU B 451 -3.65 -17.10 15.88
CA LEU B 451 -4.41 -15.87 16.08
C LEU B 451 -3.94 -14.82 15.07
N VAL B 452 -4.89 -14.17 14.43
CA VAL B 452 -4.58 -13.15 13.43
C VAL B 452 -5.14 -11.80 13.88
N GLY B 453 -4.28 -10.80 13.93
CA GLY B 453 -4.70 -9.46 14.31
C GLY B 453 -4.25 -8.42 13.29
N PRO B 454 -4.80 -7.20 13.39
CA PRO B 454 -4.41 -6.12 12.49
C PRO B 454 -2.96 -5.70 12.68
N ALA B 455 -2.42 -5.01 11.67
CA ALA B 455 -1.06 -4.48 11.72
C ALA B 455 -0.74 -3.75 13.04
N PHE B 456 0.43 -4.03 13.59
CA PHE B 456 0.94 -3.34 14.79
C PHE B 456 0.22 -3.73 16.08
N SER B 457 -0.61 -4.76 16.02
CA SER B 457 -1.28 -5.23 17.23
C SER B 457 -0.47 -6.31 17.95
N ASP B 458 0.83 -6.41 17.62
CA ASP B 458 1.73 -7.49 18.09
C ASP B 458 1.80 -7.67 19.60
N ASP B 459 1.93 -6.56 20.34
CA ASP B 459 2.00 -6.69 21.80
C ASP B 459 0.70 -7.18 22.43
N SER B 460 -0.44 -6.64 21.98
CA SER B 460 -1.74 -7.02 22.52
C SER B 460 -2.04 -8.46 22.17
N MET B 461 -1.71 -8.85 20.93
CA MET B 461 -1.88 -10.22 20.52
C MET B 461 -1.05 -11.20 21.36
N ALA B 462 0.17 -10.81 21.69
CA ALA B 462 1.04 -11.64 22.50
C ALA B 462 0.36 -12.06 23.79
N LEU B 463 -0.34 -11.12 24.42
CA LEU B 463 -1.05 -11.39 25.67
C LEU B 463 -2.17 -12.40 25.47
N ILE B 464 -3.00 -12.17 24.46
CA ILE B 464 -4.11 -13.06 24.16
C ILE B 464 -3.61 -14.48 23.82
N ALA B 465 -2.57 -14.55 22.99
CA ALA B 465 -2.01 -15.83 22.57
C ALA B 465 -1.44 -16.62 23.75
N ASP B 466 -0.69 -15.96 24.63
CA ASP B 466 -0.15 -16.59 25.82
C ASP B 466 -1.27 -17.21 26.63
N ARG B 467 -2.35 -16.46 26.80
CA ARG B 467 -3.49 -16.94 27.57
C ARG B 467 -4.11 -18.17 26.93
N LEU B 468 -4.36 -18.08 25.63
CA LEU B 468 -4.92 -19.21 24.90
C LEU B 468 -4.01 -20.45 24.97
N HIS B 469 -2.71 -20.23 24.76
CA HIS B 469 -1.75 -21.32 24.74
C HIS B 469 -1.82 -22.06 26.08
N ARG B 470 -1.77 -21.29 27.16
CA ARG B 470 -1.69 -21.85 28.51
C ARG B 470 -2.99 -22.51 28.93
N ARG B 471 -4.05 -22.18 28.21
CA ARG B 471 -5.36 -22.77 28.43
C ARG B 471 -5.51 -24.08 27.67
N LEU B 472 -4.98 -24.14 26.46
CA LEU B 472 -5.28 -25.26 25.57
C LEU B 472 -4.27 -26.41 25.67
N GLU B 473 -2.99 -26.06 25.65
CA GLU B 473 -1.95 -27.08 25.50
C GLU B 473 -0.69 -26.47 26.03
N PRO B 474 -0.58 -26.36 27.36
CA PRO B 474 0.47 -25.55 27.99
C PRO B 474 1.81 -26.25 28.10
N GLY B 475 2.43 -26.55 26.96
CA GLY B 475 3.75 -27.16 26.89
C GLY B 475 4.26 -26.86 25.49
N TYR B 476 5.53 -27.14 25.24
CA TYR B 476 6.07 -26.87 23.91
C TYR B 476 7.00 -28.01 23.50
N GLY B 477 7.21 -28.14 22.19
CA GLY B 477 8.25 -29.00 21.67
C GLY B 477 7.91 -30.47 21.79
N GLN B 478 8.90 -31.31 21.49
CA GLN B 478 8.67 -32.77 21.39
C GLN B 478 8.25 -33.47 22.69
N ASP B 479 8.57 -32.89 23.84
CA ASP B 479 8.18 -33.51 25.11
C ASP B 479 6.96 -32.83 25.76
N ARG B 480 6.32 -31.90 25.05
CA ARG B 480 5.25 -31.10 25.65
C ARG B 480 5.76 -30.53 26.95
N ALA B 481 6.99 -30.05 26.87
CA ALA B 481 7.74 -29.62 28.05
C ALA B 481 7.11 -28.41 28.73
N SER B 482 7.31 -28.33 30.04
CA SER B 482 6.91 -27.18 30.85
C SER B 482 7.31 -25.85 30.19
N LEU B 483 6.36 -24.93 30.09
CA LEU B 483 6.63 -23.61 29.52
C LEU B 483 7.47 -22.82 30.50
N PRO B 484 8.53 -22.16 30.01
CA PRO B 484 9.26 -21.24 30.87
C PRO B 484 8.34 -20.09 31.33
N ASP B 485 8.67 -19.54 32.49
CA ASP B 485 8.09 -18.29 32.92
C ASP B 485 8.88 -17.21 32.21
N PRO B 486 8.31 -15.99 32.09
CA PRO B 486 7.08 -15.60 32.79
C PRO B 486 5.83 -15.83 31.94
N VAL B 487 4.67 -15.85 32.58
CA VAL B 487 3.43 -15.66 31.85
C VAL B 487 3.30 -14.14 31.58
N LEU B 488 2.66 -13.78 30.47
CA LEU B 488 2.45 -12.36 30.17
C LEU B 488 1.27 -11.83 30.98
N GLU B 489 1.37 -10.58 31.46
CA GLU B 489 0.26 -9.96 32.19
C GLU B 489 -0.18 -8.62 31.58
N GLU B 490 -1.42 -8.22 31.83
CA GLU B 490 -1.97 -6.95 31.31
C GLU B 490 -1.16 -5.72 31.78
N THR B 491 -0.69 -4.93 30.82
CA THR B 491 0.20 -3.80 31.11
C THR B 491 -0.39 -2.73 32.05
N ASN B 492 -1.31 -1.90 31.54
CA ASN B 492 -1.70 -1.92 30.13
C ASN B 492 -1.39 -0.58 29.48
#